data_5DZT
#
_entry.id   5DZT
#
_cell.length_a   51.191
_cell.length_b   90.699
_cell.length_c   246.361
_cell.angle_alpha   90.00
_cell.angle_beta   90.00
_cell.angle_gamma   90.00
#
_symmetry.space_group_name_H-M   'P 21 21 21'
#
loop_
_entity.id
_entity.type
_entity.pdbx_description
1 polymer CylM
2 non-polymer 'ZINC ION'
3 non-polymer 'ADENOSINE MONOPHOSPHATE'
4 water water
#
_entity_poly.entity_id   1
_entity_poly.type   'polypeptide(L)'
_entity_poly.pdbx_seq_one_letter_code
;MEDNLINVLSINERCFLLKQSGNEKYDIKNLQAWKERKSVLKQDDLDYLIKYKYESLDNFGLGITPIENFPDKEVAIQYI
KDQSWYIFFESILDSYNDSEEQLLEVDASYPFRYFLQYARLFLLDLNSELNICTKEFIINLLEILTQELIHLTSKTLVLD
LHTFKKNEPLKGNDSSKRFIYYLKKRFNSKKDIIAFYTCYPELMRITVVRMRYFLDNTKQMLIRVTEDLPSIQNCFNIQS
SELNSISESQGDSHSRGKTVSTLTFSDGKKIVYKPKINSENKLRDFFEFLNKELEADIYIVKKVTRNTYFYEEYIDNIEI
NNIEEVKKYYERYGKLIGIAFLFNVTDLHYENIIAHGEYPVIIDNETFFQQNIPIEFGNSATVDAKYKYLDSIMVTGLVP
YLAMKDKSDSKDEGVNLSALNFKEQSVPFKILKIKNTFTDEMRFEYQTHIMDTAKNTPIMNNEKISFISYEKYIVTGMKS
ILMKAKDSKKKILAYINNNLQNLIVRNVIRPTQRYADMLEFSYHPNCFSNAIEREKVLHNMWAYPYKNKKVVHYEFSDLI
DGDIPIFYNNISKTSLIASDGCLVEDFYQESALNRCLNKINDLCDEDISIQTVWLEIALNIYNPYKYINDLKNQNSNKYI
YTGLELNGKIIQACQKIEKKIFKRAIFNKKTNTVNWIDIKLDQDWNVGILNNNMYDGLPGIFIFYVALKYITKNHKYDYV
IECIKNSIYTIPSEDILSAFFGKGSLIYPLLVDYRLNNDINSLNVAVEIADMLIEKKPINNGELKNDWIHGHNSIIKVLL
LLSEITEDEKYRKFSLEIFEKLSEEPYFNFRGFGHGIYSYVHLLSKFNRIDKANSLLHKIKESYFEEEPKNNSWCKGTVG
ELLATIELYDDNISNIDINKTIEYKNKDCLCHGNAGTLEGLIQLAKKDPETYQYKKNKLISYMLKYFEKNNTLKVAGSEY
LESLGFFVGISGVGYELLRNLDSEIPNALLFEL
;
_entity_poly.pdbx_strand_id   A
#
loop_
_chem_comp.id
_chem_comp.type
_chem_comp.name
_chem_comp.formula
AMP non-polymer 'ADENOSINE MONOPHOSPHATE' 'C10 H14 N5 O7 P'
ZN non-polymer 'ZINC ION' 'Zn 2'
#
# COMPACT_ATOMS: atom_id res chain seq x y z
N ASN A 4 33.91 20.31 26.42
CA ASN A 4 33.19 19.53 25.37
C ASN A 4 31.83 20.10 24.99
N LEU A 5 31.24 20.86 25.90
CA LEU A 5 29.96 21.56 25.69
C LEU A 5 29.71 22.13 24.27
N ILE A 6 30.75 22.69 23.63
CA ILE A 6 30.64 23.22 22.24
C ILE A 6 30.18 22.19 21.19
N ASN A 7 30.23 20.91 21.53
CA ASN A 7 29.75 19.84 20.69
C ASN A 7 28.22 19.78 20.52
N VAL A 8 27.51 20.59 21.30
CA VAL A 8 26.06 20.66 21.20
C VAL A 8 25.67 21.55 20.04
N LEU A 9 26.64 22.31 19.52
CA LEU A 9 26.35 23.28 18.46
C LEU A 9 25.95 22.57 17.17
N SER A 10 24.93 23.09 16.52
CA SER A 10 24.47 22.54 15.24
C SER A 10 25.30 23.14 14.10
N ILE A 11 25.22 22.51 12.93
CA ILE A 11 26.00 22.92 11.76
C ILE A 11 25.80 24.40 11.45
N ASN A 12 24.55 24.86 11.49
CA ASN A 12 24.26 26.28 11.26
C ASN A 12 24.81 27.20 12.33
N GLU A 13 24.79 26.73 13.56
CA GLU A 13 25.25 27.51 14.70
C GLU A 13 26.77 27.64 14.63
N ARG A 14 27.44 26.52 14.35
CA ARG A 14 28.90 26.51 14.13
C ARG A 14 29.29 27.45 13.01
N CYS A 15 28.62 27.31 11.87
CA CYS A 15 28.82 28.20 10.74
C CYS A 15 28.71 29.70 11.12
N PHE A 16 27.73 30.03 11.95
CA PHE A 16 27.51 31.42 12.38
C PHE A 16 28.68 31.97 13.20
N LEU A 17 29.12 31.20 14.18
CA LEU A 17 30.16 31.65 15.12
C LEU A 17 31.52 31.82 14.44
N LEU A 18 31.82 30.89 13.54
CA LEU A 18 33.04 30.96 12.74
C LEU A 18 33.06 32.22 11.90
N LYS A 19 31.98 32.50 11.17
CA LYS A 19 31.87 33.74 10.40
C LYS A 19 32.10 34.98 11.28
N GLN A 20 31.54 34.94 12.49
CA GLN A 20 31.68 35.99 13.48
C GLN A 20 33.10 36.04 14.10
N SER A 21 33.78 34.90 14.11
CA SER A 21 35.18 34.81 14.55
C SER A 21 36.17 35.45 13.55
N GLY A 22 35.65 35.96 12.44
CA GLY A 22 36.50 36.51 11.36
C GLY A 22 37.19 35.40 10.59
N ASN A 23 36.44 34.33 10.33
CA ASN A 23 36.95 33.10 9.74
C ASN A 23 36.01 32.61 8.63
N GLU A 24 36.53 31.84 7.68
CA GLU A 24 35.73 31.33 6.56
C GLU A 24 36.38 30.18 5.81
N LYS A 25 37.71 30.21 5.72
CA LYS A 25 38.47 29.14 5.09
C LYS A 25 38.40 27.90 5.98
N TYR A 26 37.47 27.00 5.64
CA TYR A 26 37.35 25.74 6.38
C TYR A 26 38.32 24.69 5.83
N ASP A 27 38.77 23.83 6.72
CA ASP A 27 39.78 22.80 6.45
C ASP A 27 39.72 22.09 5.09
N ILE A 28 38.50 21.92 4.55
CA ILE A 28 38.25 21.20 3.28
C ILE A 28 38.42 19.68 3.39
N LYS A 29 39.40 19.26 4.19
CA LYS A 29 39.77 17.86 4.32
C LYS A 29 38.67 17.04 5.01
N ASN A 30 38.06 17.61 6.04
CA ASN A 30 36.96 16.94 6.75
C ASN A 30 35.63 16.94 5.99
N LEU A 31 35.46 17.91 5.08
CA LEU A 31 34.32 17.91 4.15
C LEU A 31 34.41 16.69 3.23
N GLN A 32 35.63 16.36 2.82
CA GLN A 32 35.89 15.17 2.03
C GLN A 32 35.67 13.94 2.89
N ALA A 33 36.07 14.04 4.16
CA ALA A 33 35.91 12.97 5.14
C ALA A 33 34.43 12.71 5.46
N TRP A 34 33.61 13.76 5.36
CA TRP A 34 32.18 13.62 5.54
C TRP A 34 31.52 13.16 4.24
N LYS A 35 31.94 13.77 3.13
CA LYS A 35 31.33 13.53 1.82
C LYS A 35 31.42 12.08 1.39
N GLU A 36 32.45 11.38 1.87
CA GLU A 36 32.49 9.93 1.71
C GLU A 36 32.20 9.26 3.04
N ARG A 37 30.91 9.08 3.30
CA ARG A 37 30.41 8.24 4.37
C ARG A 37 29.17 7.51 3.86
N LYS A 38 28.85 6.37 4.45
CA LYS A 38 27.72 5.55 4.01
C LYS A 38 26.41 6.34 4.13
N SER A 39 25.85 6.69 2.97
CA SER A 39 24.67 7.53 2.89
C SER A 39 23.76 7.06 1.75
N VAL A 40 22.45 7.13 1.96
CA VAL A 40 21.47 6.82 0.91
C VAL A 40 21.01 8.09 0.19
N LEU A 41 21.66 9.21 0.48
CA LEU A 41 21.31 10.43 -0.22
C LEU A 41 21.89 10.44 -1.64
N LYS A 42 21.01 10.58 -2.62
CA LYS A 42 21.42 10.78 -3.99
C LYS A 42 21.92 12.20 -4.16
N GLN A 43 22.51 12.48 -5.31
CA GLN A 43 23.08 13.79 -5.55
C GLN A 43 22.03 14.88 -5.45
N ASP A 44 20.88 14.65 -6.07
CA ASP A 44 19.78 15.61 -6.02
C ASP A 44 19.34 15.88 -4.58
N ASP A 45 19.18 14.81 -3.80
CA ASP A 45 18.84 14.94 -2.38
C ASP A 45 19.81 15.86 -1.67
N LEU A 46 21.11 15.54 -1.80
CA LEU A 46 22.14 16.35 -1.20
C LEU A 46 22.05 17.80 -1.65
N ASP A 47 21.91 18.00 -2.94
CA ASP A 47 21.75 19.33 -3.49
C ASP A 47 20.58 20.06 -2.81
N TYR A 48 19.44 19.37 -2.66
CA TYR A 48 18.27 20.00 -2.02
C TYR A 48 18.58 20.45 -0.60
N LEU A 49 19.03 19.52 0.23
CA LEU A 49 19.37 19.76 1.63
C LEU A 49 20.39 20.85 1.82
N ILE A 50 21.48 20.81 1.04
CA ILE A 50 22.55 21.79 1.15
C ILE A 50 22.07 23.21 0.90
N LYS A 51 21.25 23.39 -0.14
CA LYS A 51 20.74 24.70 -0.54
C LYS A 51 19.66 25.28 0.41
N TYR A 52 18.71 24.45 0.82
CA TYR A 52 17.56 24.96 1.59
C TYR A 52 17.68 24.89 3.11
N LYS A 53 18.53 24.00 3.63
CA LYS A 53 18.81 23.96 5.06
C LYS A 53 20.03 24.81 5.43
N TYR A 54 21.01 24.83 4.54
CA TYR A 54 22.22 25.62 4.71
C TYR A 54 22.26 26.53 3.49
N GLU A 55 22.93 27.68 3.56
CA GLU A 55 22.83 28.62 2.43
C GLU A 55 23.53 28.06 1.19
N SER A 56 24.65 27.38 1.43
CA SER A 56 25.56 26.94 0.39
C SER A 56 26.44 25.81 0.89
N LEU A 57 27.29 25.28 0.01
CA LEU A 57 28.21 24.22 0.35
C LEU A 57 29.38 24.73 1.20
N ASP A 58 29.72 26.02 1.06
CA ASP A 58 30.75 26.64 1.89
C ASP A 58 30.34 26.70 3.35
N ASN A 59 29.20 27.34 3.62
CA ASN A 59 28.58 27.37 4.95
C ASN A 59 28.56 26.02 5.62
N PHE A 60 28.12 25.00 4.89
CA PHE A 60 28.07 23.65 5.40
C PHE A 60 29.46 23.16 5.77
N GLY A 61 30.44 23.40 4.89
CA GLY A 61 31.83 23.03 5.15
C GLY A 61 32.38 23.73 6.38
N LEU A 62 32.06 25.01 6.49
CA LEU A 62 32.36 25.79 7.68
C LEU A 62 31.65 25.19 8.91
N GLY A 63 30.33 24.97 8.79
CA GLY A 63 29.54 24.40 9.89
C GLY A 63 29.88 22.98 10.36
N ILE A 64 30.82 22.32 9.69
CA ILE A 64 31.21 20.95 10.03
C ILE A 64 32.54 20.88 10.81
N THR A 65 33.14 22.03 11.11
CA THR A 65 34.42 22.09 11.83
C THR A 65 34.34 21.33 13.16
N PRO A 66 35.26 20.39 13.40
CA PRO A 66 35.22 19.58 14.62
C PRO A 66 35.57 20.34 15.90
N ILE A 67 35.97 19.58 16.93
CA ILE A 67 36.07 20.05 18.33
C ILE A 67 37.09 21.16 18.62
N GLU A 68 38.32 20.75 18.93
CA GLU A 68 39.37 21.67 19.38
C GLU A 68 39.89 22.64 18.29
N ASN A 69 39.62 22.32 17.03
CA ASN A 69 40.00 23.19 15.91
C ASN A 69 39.24 24.52 15.90
N PHE A 70 38.48 24.78 16.97
CA PHE A 70 37.55 25.89 17.03
C PHE A 70 38.19 27.13 17.66
N PRO A 71 38.20 28.25 16.93
CA PRO A 71 38.65 29.53 17.48
C PRO A 71 37.58 30.16 18.36
N ASP A 72 38.01 30.94 19.34
CA ASP A 72 37.13 31.71 20.23
C ASP A 72 36.13 30.81 20.97
N LYS A 73 36.66 29.81 21.67
CA LYS A 73 35.87 28.85 22.45
C LYS A 73 35.00 29.50 23.52
N GLU A 74 35.52 30.54 24.15
CA GLU A 74 34.80 31.26 25.22
C GLU A 74 33.53 31.93 24.71
N VAL A 75 33.62 32.57 23.55
CA VAL A 75 32.47 33.26 22.97
C VAL A 75 31.41 32.26 22.46
N ALA A 76 31.83 31.02 22.21
CA ALA A 76 30.90 29.96 21.84
C ALA A 76 30.22 29.42 23.08
N ILE A 77 31.01 29.21 24.15
CA ILE A 77 30.48 28.76 25.43
C ILE A 77 29.44 29.76 25.94
N GLN A 78 29.80 31.02 25.94
CA GLN A 78 28.87 32.09 26.31
C GLN A 78 27.57 32.05 25.50
N TYR A 79 27.67 31.76 24.20
CA TYR A 79 26.51 31.52 23.36
C TYR A 79 25.64 30.35 23.87
N ILE A 80 26.28 29.22 24.17
CA ILE A 80 25.59 28.03 24.69
C ILE A 80 24.93 28.28 26.05
N LYS A 81 25.65 28.98 26.93
CA LYS A 81 25.15 29.27 28.27
C LYS A 81 24.02 30.30 28.26
N ASP A 82 23.96 31.11 27.20
CA ASP A 82 22.85 32.05 27.02
C ASP A 82 21.56 31.36 26.55
N GLN A 83 21.66 30.10 26.12
CA GLN A 83 20.50 29.40 25.58
C GLN A 83 19.55 29.04 26.71
N SER A 84 18.28 29.33 26.44
CA SER A 84 17.16 29.00 27.31
C SER A 84 17.26 27.63 27.94
N TRP A 85 17.59 26.61 27.14
CA TRP A 85 17.65 25.26 27.68
C TRP A 85 18.83 25.09 28.64
N TYR A 86 19.94 25.83 28.41
CA TYR A 86 21.07 25.76 29.33
C TYR A 86 20.76 26.39 30.68
N ILE A 87 20.12 27.56 30.63
CA ILE A 87 19.71 28.26 31.83
C ILE A 87 18.79 27.36 32.65
N PHE A 88 17.81 26.72 31.98
CA PHE A 88 16.89 25.79 32.65
C PHE A 88 17.63 24.60 33.28
N PHE A 89 18.65 24.07 32.60
CA PHE A 89 19.45 23.00 33.18
C PHE A 89 20.10 23.46 34.51
N GLU A 90 20.61 24.69 34.53
CA GLU A 90 21.24 25.28 35.73
C GLU A 90 20.26 25.31 36.91
N SER A 91 19.05 25.81 36.66
CA SER A 91 18.03 25.93 37.70
C SER A 91 17.69 24.58 38.31
N ILE A 92 17.67 23.56 37.48
CA ILE A 92 17.33 22.21 37.96
C ILE A 92 18.43 21.70 38.90
N LEU A 93 19.68 21.91 38.51
CA LEU A 93 20.83 21.55 39.33
C LEU A 93 20.85 22.30 40.66
N ASP A 94 20.71 23.62 40.60
CA ASP A 94 20.80 24.49 41.76
C ASP A 94 19.64 24.33 42.74
N SER A 95 18.49 23.91 42.24
CA SER A 95 17.30 23.73 43.08
C SER A 95 17.34 22.47 43.92
N TYR A 96 18.04 21.44 43.45
CA TYR A 96 18.01 20.13 44.12
C TYR A 96 18.43 20.14 45.60
N ASN A 97 17.82 19.24 46.37
CA ASN A 97 17.97 19.21 47.84
C ASN A 97 18.54 17.89 48.36
N ASP A 98 19.51 18.00 49.28
CA ASP A 98 20.06 16.86 50.02
C ASP A 98 19.09 16.40 51.12
N SER A 99 18.60 15.16 51.00
CA SER A 99 17.73 14.55 52.01
C SER A 99 17.60 13.06 51.82
N GLU A 100 17.02 12.65 50.69
CA GLU A 100 16.90 11.25 50.27
C GLU A 100 16.00 10.40 51.20
N GLU A 101 14.70 10.68 51.17
CA GLU A 101 13.72 9.99 52.03
C GLU A 101 12.24 10.16 51.64
N GLN A 102 11.97 10.94 50.59
CA GLN A 102 10.58 11.23 50.14
C GLN A 102 10.15 10.57 48.82
N LEU A 103 10.98 10.69 47.79
CA LEU A 103 10.65 10.19 46.44
C LEU A 103 10.97 8.69 46.29
N LEU A 104 10.16 8.00 45.46
CA LEU A 104 10.20 6.54 45.32
C LEU A 104 11.59 5.95 45.01
N GLU A 105 11.90 4.81 45.64
CA GLU A 105 13.22 4.18 45.53
C GLU A 105 13.34 3.06 44.47
N VAL A 106 12.26 2.78 43.74
CA VAL A 106 12.31 1.84 42.60
C VAL A 106 13.21 2.47 41.54
N ASP A 107 14.48 2.08 41.55
CA ASP A 107 15.54 2.89 40.93
C ASP A 107 16.24 2.32 39.70
N ALA A 108 17.31 3.01 39.31
CA ALA A 108 17.84 3.06 37.93
C ALA A 108 17.49 4.46 37.41
N SER A 109 16.64 5.13 38.19
CA SER A 109 16.24 6.51 37.97
C SER A 109 17.12 7.47 38.75
N TYR A 110 18.16 6.94 39.40
CA TYR A 110 19.16 7.72 40.11
C TYR A 110 19.72 8.87 39.26
N PRO A 111 20.10 8.59 37.99
CA PRO A 111 20.69 9.67 37.18
C PRO A 111 19.80 10.92 37.06
N PHE A 112 18.49 10.73 37.19
CA PHE A 112 17.53 11.80 36.88
C PHE A 112 16.87 12.36 38.11
N ARG A 113 17.27 11.87 39.29
CA ARG A 113 16.71 12.31 40.57
C ARG A 113 16.59 13.84 40.63
N TYR A 114 17.56 14.52 40.04
CA TYR A 114 17.56 15.99 39.98
C TYR A 114 16.37 16.53 39.20
N PHE A 115 16.07 15.90 38.06
CA PHE A 115 14.96 16.30 37.21
C PHE A 115 13.67 15.91 37.89
N LEU A 116 13.62 14.66 38.39
CA LEU A 116 12.44 14.13 39.06
C LEU A 116 12.01 14.94 40.28
N GLN A 117 12.95 15.35 41.12
CA GLN A 117 12.56 16.18 42.26
C GLN A 117 12.02 17.51 41.78
N TYR A 118 12.72 18.13 40.84
CA TYR A 118 12.27 19.42 40.31
C TYR A 118 10.84 19.31 39.71
N ALA A 119 10.58 18.22 39.00
CA ALA A 119 9.24 17.92 38.46
C ALA A 119 8.23 17.75 39.60
N ARG A 120 8.61 17.00 40.64
CA ARG A 120 7.73 16.79 41.78
C ARG A 120 7.31 18.08 42.49
N LEU A 121 8.22 19.03 42.61
CA LEU A 121 7.90 20.23 43.36
C LEU A 121 7.05 21.17 42.54
N PHE A 122 7.28 21.13 41.24
CA PHE A 122 6.48 21.88 40.27
C PHE A 122 5.02 21.38 40.28
N LEU A 123 4.86 20.07 40.38
CA LEU A 123 3.53 19.48 40.32
C LEU A 123 2.79 19.71 41.62
N LEU A 124 3.51 19.64 42.74
CA LEU A 124 2.92 19.94 44.05
C LEU A 124 2.41 21.35 44.11
N ASP A 125 3.25 22.30 43.70
CA ASP A 125 2.84 23.71 43.67
C ASP A 125 1.62 23.92 42.78
N LEU A 126 1.60 23.27 41.63
CA LEU A 126 0.49 23.46 40.71
C LEU A 126 -0.85 22.95 41.28
N ASN A 127 -0.87 21.72 41.78
CA ASN A 127 -2.07 21.13 42.37
C ASN A 127 -2.61 21.85 43.61
N SER A 128 -1.71 22.35 44.45
CA SER A 128 -2.14 23.20 45.57
C SER A 128 -3.00 24.38 45.07
N GLU A 129 -2.74 24.86 43.85
CA GLU A 129 -3.60 25.87 43.26
C GLU A 129 -4.89 25.28 42.67
N LEU A 130 -4.72 24.24 41.86
CA LEU A 130 -5.81 23.65 41.10
C LEU A 130 -6.73 22.70 41.86
N ASN A 131 -6.16 21.89 42.78
CA ASN A 131 -6.89 20.85 43.55
C ASN A 131 -7.64 19.89 42.66
N ILE A 132 -7.00 19.44 41.60
CA ILE A 132 -7.70 18.66 40.61
C ILE A 132 -7.22 17.19 40.58
N CYS A 133 -6.07 16.91 41.21
CA CYS A 133 -5.56 15.53 41.30
C CYS A 133 -5.11 15.12 42.72
N THR A 134 -4.69 13.87 42.87
CA THR A 134 -4.28 13.34 44.17
C THR A 134 -2.80 13.12 44.14
N LYS A 135 -2.23 12.67 45.27
CA LYS A 135 -0.81 12.24 45.30
C LYS A 135 -0.53 11.02 44.43
N GLU A 136 -1.41 10.02 44.46
CA GLU A 136 -1.30 8.87 43.49
C GLU A 136 -1.09 9.37 42.04
N PHE A 137 -1.86 10.36 41.60
CA PHE A 137 -1.79 10.88 40.21
C PHE A 137 -0.41 11.48 39.92
N ILE A 138 0.06 12.29 40.87
CA ILE A 138 1.42 12.83 40.80
C ILE A 138 2.49 11.74 40.81
N ILE A 139 2.35 10.71 41.68
CA ILE A 139 3.22 9.51 41.57
C ILE A 139 3.24 9.01 40.09
N ASN A 140 2.07 8.71 39.52
CA ASN A 140 1.95 8.27 38.11
C ASN A 140 2.64 9.18 37.10
N LEU A 141 2.41 10.49 37.18
CA LEU A 141 3.11 11.45 36.33
C LEU A 141 4.63 11.29 36.40
N LEU A 142 5.18 11.14 37.61
CA LEU A 142 6.64 11.05 37.76
C LEU A 142 7.17 9.73 37.19
N GLU A 143 6.41 8.64 37.33
CA GLU A 143 6.78 7.38 36.68
C GLU A 143 6.88 7.55 35.17
N ILE A 144 5.98 8.35 34.61
CA ILE A 144 5.94 8.55 33.14
C ILE A 144 7.17 9.35 32.71
N LEU A 145 7.49 10.42 33.43
CA LEU A 145 8.69 11.18 33.12
C LEU A 145 9.93 10.28 33.25
N THR A 146 9.95 9.51 34.34
CA THR A 146 11.04 8.58 34.63
C THR A 146 11.25 7.62 33.47
N GLN A 147 10.19 6.94 33.04
CA GLN A 147 10.30 6.03 31.89
C GLN A 147 10.75 6.74 30.61
N GLU A 148 10.36 8.01 30.42
CA GLU A 148 10.83 8.76 29.25
C GLU A 148 12.36 8.96 29.27
N LEU A 149 12.87 9.46 30.38
CA LEU A 149 14.30 9.69 30.56
C LEU A 149 15.11 8.39 30.53
N ILE A 150 14.63 7.36 31.24
CA ILE A 150 15.21 6.03 31.15
C ILE A 150 15.43 5.62 29.69
N HIS A 151 14.33 5.57 28.93
CA HIS A 151 14.39 5.14 27.54
C HIS A 151 15.32 5.99 26.68
N LEU A 152 15.23 7.29 26.84
CA LEU A 152 16.01 8.23 26.05
C LEU A 152 17.53 8.09 26.25
N THR A 153 17.92 7.77 27.47
CA THR A 153 19.33 7.78 27.84
C THR A 153 19.96 6.36 27.82
N SER A 154 19.16 5.32 27.57
CA SER A 154 19.62 3.95 27.77
C SER A 154 20.78 3.49 26.84
N LYS A 155 20.67 3.78 25.55
CA LYS A 155 21.72 3.46 24.57
C LYS A 155 23.04 4.11 24.98
N THR A 156 22.94 5.35 25.45
CA THR A 156 24.07 6.08 25.96
C THR A 156 24.65 5.41 27.19
N LEU A 157 23.79 4.96 28.11
CA LEU A 157 24.24 4.28 29.33
C LEU A 157 25.06 3.02 29.08
N VAL A 158 24.55 2.16 28.20
CA VAL A 158 25.18 0.86 27.92
C VAL A 158 26.65 1.02 27.48
N LEU A 159 26.92 2.01 26.62
CA LEU A 159 28.28 2.31 26.18
C LEU A 159 29.09 3.21 27.11
N ASP A 160 28.42 3.97 27.98
CA ASP A 160 29.14 4.83 28.92
C ASP A 160 29.71 4.07 30.13
N LEU A 161 29.53 2.75 30.14
CA LEU A 161 30.26 1.87 31.06
C LEU A 161 31.76 1.83 30.69
N HIS A 162 32.01 1.64 29.41
CA HIS A 162 33.36 1.43 28.88
C HIS A 162 34.09 2.76 28.68
N ARG A 178 24.11 -5.97 39.79
CA ARG A 178 25.46 -5.40 39.93
C ARG A 178 25.53 -3.97 39.42
N PHE A 179 24.62 -3.65 38.49
CA PHE A 179 24.61 -2.37 37.76
C PHE A 179 24.62 -1.09 38.61
N ILE A 180 24.01 -1.18 39.79
CA ILE A 180 23.91 -0.07 40.73
C ILE A 180 25.26 0.60 41.04
N TYR A 181 26.33 -0.17 40.97
CA TYR A 181 27.67 0.34 41.20
C TYR A 181 28.00 1.50 40.26
N TYR A 182 27.76 1.30 38.96
CA TYR A 182 28.00 2.33 37.92
C TYR A 182 27.13 3.56 38.14
N LEU A 183 25.86 3.31 38.48
CA LEU A 183 24.90 4.38 38.80
C LEU A 183 25.32 5.11 40.08
N LYS A 184 25.79 4.37 41.08
CA LYS A 184 26.31 4.96 42.33
C LYS A 184 27.55 5.79 42.05
N LYS A 185 28.49 5.20 41.29
CA LYS A 185 29.72 5.89 40.94
C LYS A 185 29.47 7.03 39.96
N ARG A 186 29.04 6.70 38.74
CA ARG A 186 28.95 7.66 37.63
C ARG A 186 28.02 8.82 37.96
N PHE A 187 27.02 8.55 38.82
CA PHE A 187 26.07 9.58 39.28
C PHE A 187 26.04 9.63 40.81
N ASN A 188 26.94 10.43 41.39
CA ASN A 188 27.00 10.61 42.83
C ASN A 188 26.87 12.06 43.30
N SER A 189 27.46 12.99 42.56
CA SER A 189 27.46 14.39 42.97
C SER A 189 26.98 15.31 41.84
N LYS A 190 26.71 16.57 42.21
CA LYS A 190 26.32 17.60 41.28
C LYS A 190 27.27 17.73 40.09
N LYS A 191 28.54 17.99 40.36
CA LYS A 191 29.53 18.20 39.31
C LYS A 191 29.76 16.93 38.48
N ASP A 192 29.60 15.78 39.13
CA ASP A 192 29.79 14.50 38.46
C ASP A 192 28.65 14.20 37.45
N ILE A 193 27.48 14.76 37.74
CA ILE A 193 26.31 14.73 36.85
C ILE A 193 26.48 15.75 35.72
N ILE A 194 27.00 16.94 36.04
CA ILE A 194 27.37 17.93 35.01
C ILE A 194 28.39 17.34 34.06
N ALA A 195 29.24 16.46 34.58
CA ALA A 195 30.32 15.85 33.80
C ALA A 195 29.78 14.87 32.75
N PHE A 196 28.83 14.04 33.17
CA PHE A 196 28.16 13.10 32.28
C PHE A 196 27.37 13.82 31.18
N TYR A 197 26.75 14.95 31.50
CA TYR A 197 25.92 15.67 30.54
C TYR A 197 26.74 16.55 29.61
N THR A 198 27.88 17.03 30.08
CA THR A 198 28.80 17.80 29.21
C THR A 198 29.58 16.84 28.28
N CYS A 199 29.66 15.59 28.71
CA CYS A 199 30.22 14.51 27.91
C CYS A 199 29.29 14.19 26.71
N TYR A 200 27.98 14.37 26.91
CA TYR A 200 26.98 14.14 25.87
C TYR A 200 26.04 15.35 25.82
N PRO A 201 26.53 16.48 25.31
CA PRO A 201 25.79 17.73 25.45
C PRO A 201 24.55 17.83 24.55
N GLU A 202 24.40 16.91 23.60
CA GLU A 202 23.16 16.82 22.83
C GLU A 202 22.12 16.00 23.59
N LEU A 203 22.55 14.98 24.35
CA LEU A 203 21.66 14.32 25.30
C LEU A 203 21.13 15.32 26.33
N MET A 204 22.02 16.19 26.80
CA MET A 204 21.67 17.18 27.79
C MET A 204 20.60 18.13 27.23
N ARG A 205 20.82 18.69 26.04
CA ARG A 205 19.85 19.59 25.40
C ARG A 205 18.46 18.93 25.27
N ILE A 206 18.40 17.75 24.67
CA ILE A 206 17.12 17.08 24.41
C ILE A 206 16.41 16.68 25.69
N THR A 207 17.17 16.24 26.70
CA THR A 207 16.66 15.93 28.03
C THR A 207 15.91 17.09 28.65
N VAL A 208 16.53 18.25 28.62
CA VAL A 208 15.91 19.48 29.14
C VAL A 208 14.73 19.89 28.24
N VAL A 209 14.89 19.71 26.92
CA VAL A 209 13.78 19.96 26.00
C VAL A 209 12.57 19.07 26.39
N ARG A 210 12.79 17.77 26.55
CA ARG A 210 11.73 16.84 26.96
C ARG A 210 11.14 17.17 28.34
N MET A 211 12.01 17.54 29.27
CA MET A 211 11.59 18.02 30.59
C MET A 211 10.61 19.20 30.47
N ARG A 212 11.01 20.24 29.75
CA ARG A 212 10.14 21.42 29.55
C ARG A 212 8.78 21.06 28.92
N TYR A 213 8.80 20.26 27.86
CA TYR A 213 7.59 19.74 27.26
C TYR A 213 6.74 19.03 28.32
N PHE A 214 7.38 18.18 29.11
CA PHE A 214 6.62 17.39 30.06
C PHE A 214 5.89 18.27 31.07
N LEU A 215 6.59 19.27 31.59
CA LEU A 215 6.01 20.19 32.54
C LEU A 215 4.94 21.07 31.92
N ASP A 216 5.19 21.56 30.71
CA ASP A 216 4.20 22.40 30.04
C ASP A 216 2.93 21.62 29.66
N ASN A 217 3.10 20.40 29.17
CA ASN A 217 1.96 19.62 28.70
C ASN A 217 1.07 19.17 29.87
N THR A 218 1.70 18.83 31.00
CA THR A 218 1.01 18.36 32.21
C THR A 218 0.27 19.54 32.83
N LYS A 219 0.95 20.66 32.93
CA LYS A 219 0.31 21.87 33.46
C LYS A 219 -0.88 22.23 32.57
N GLN A 220 -0.65 22.26 31.27
CA GLN A 220 -1.70 22.57 30.32
C GLN A 220 -2.89 21.56 30.47
N MET A 221 -2.57 20.27 30.54
CA MET A 221 -3.59 19.22 30.77
C MET A 221 -4.44 19.43 32.02
N LEU A 222 -3.76 19.65 33.14
CA LEU A 222 -4.43 19.86 34.42
C LEU A 222 -5.27 21.13 34.49
N ILE A 223 -4.81 22.22 33.87
CA ILE A 223 -5.61 23.45 33.73
C ILE A 223 -6.86 23.20 32.88
N ARG A 224 -6.68 22.56 31.73
CA ARG A 224 -7.83 22.12 30.90
C ARG A 224 -8.87 21.27 31.70
N VAL A 225 -8.41 20.27 32.46
CA VAL A 225 -9.37 19.40 33.17
C VAL A 225 -10.10 20.19 34.23
N THR A 226 -9.36 21.00 34.97
CA THR A 226 -9.97 21.92 35.91
C THR A 226 -11.03 22.83 35.26
N GLU A 227 -10.76 23.35 34.06
CA GLU A 227 -11.75 24.22 33.41
C GLU A 227 -12.89 23.43 32.81
N ASP A 228 -12.61 22.22 32.31
CA ASP A 228 -13.63 21.47 31.57
C ASP A 228 -14.45 20.56 32.45
N LEU A 229 -14.13 20.55 33.75
CA LEU A 229 -14.69 19.53 34.66
C LEU A 229 -16.23 19.40 34.63
N PRO A 230 -16.96 20.54 34.73
CA PRO A 230 -18.44 20.36 34.71
C PRO A 230 -18.93 19.70 33.45
N SER A 231 -18.30 19.97 32.29
CA SER A 231 -18.72 19.30 31.06
C SER A 231 -18.34 17.84 31.02
N ILE A 232 -17.15 17.55 31.55
CA ILE A 232 -16.67 16.18 31.69
C ILE A 232 -17.63 15.38 32.57
N GLN A 233 -17.99 15.93 33.72
CA GLN A 233 -18.88 15.24 34.65
C GLN A 233 -20.23 14.97 34.03
N ASN A 234 -20.75 15.98 33.35
CA ASN A 234 -22.01 15.91 32.69
C ASN A 234 -22.01 15.03 31.47
N CYS A 235 -20.98 15.13 30.62
CA CYS A 235 -20.98 14.26 29.44
C CYS A 235 -20.81 12.78 29.78
N PHE A 236 -19.95 12.48 30.76
CA PHE A 236 -19.50 11.11 30.95
C PHE A 236 -20.10 10.49 32.19
N ASN A 237 -20.94 11.27 32.88
CA ASN A 237 -21.63 10.82 34.09
C ASN A 237 -20.58 10.41 35.14
N ILE A 238 -19.68 11.34 35.47
CA ILE A 238 -18.59 11.13 36.42
C ILE A 238 -18.90 12.00 37.61
N GLN A 239 -18.96 11.38 38.79
CA GLN A 239 -19.33 12.10 40.02
C GLN A 239 -18.12 12.74 40.70
N SER A 240 -16.95 12.15 40.48
CA SER A 240 -15.74 12.60 41.15
C SER A 240 -15.23 13.92 40.58
N SER A 241 -14.56 14.68 41.43
CA SER A 241 -13.93 15.94 41.02
C SER A 241 -12.39 15.90 41.05
N GLU A 242 -11.81 14.71 41.22
CA GLU A 242 -10.36 14.59 41.29
C GLU A 242 -9.80 13.47 40.43
N LEU A 243 -8.69 13.76 39.80
CA LEU A 243 -7.97 12.76 39.03
C LEU A 243 -7.12 11.96 39.99
N ASN A 244 -7.07 10.67 39.76
CA ASN A 244 -6.37 9.81 40.65
C ASN A 244 -5.33 9.03 39.93
N SER A 245 -5.54 8.80 38.64
CA SER A 245 -4.65 7.97 37.88
C SER A 245 -4.44 8.45 36.43
N ILE A 246 -3.22 8.28 35.93
CA ILE A 246 -2.90 8.49 34.53
C ILE A 246 -2.09 7.31 34.03
N SER A 247 -2.45 6.78 32.86
CA SER A 247 -1.76 5.62 32.31
C SER A 247 -1.85 5.62 30.82
N GLU A 248 -1.39 4.51 30.24
CA GLU A 248 -1.46 4.22 28.78
C GLU A 248 -0.88 5.35 27.89
N SER A 249 0.24 5.94 28.31
CA SER A 249 0.86 7.01 27.54
C SER A 249 1.87 6.46 26.51
N GLN A 250 1.36 6.05 25.34
CA GLN A 250 2.18 5.53 24.23
C GLN A 250 3.33 6.46 23.85
N GLY A 251 4.50 5.88 23.59
CA GLY A 251 5.70 6.64 23.21
C GLY A 251 5.56 7.53 21.98
N ASP A 252 4.34 7.62 21.44
CA ASP A 252 4.05 8.38 20.23
C ASP A 252 3.73 9.84 20.56
N SER A 253 4.73 10.71 20.60
CA SER A 253 4.51 12.10 20.96
C SER A 253 4.65 13.07 19.76
N HIS A 254 3.88 14.16 19.79
CA HIS A 254 3.77 15.09 18.67
C HIS A 254 3.69 16.51 19.15
N SER A 255 4.03 17.46 18.28
CA SER A 255 3.76 18.89 18.58
C SER A 255 4.26 19.30 19.97
N ARG A 256 5.54 19.09 20.23
CA ARG A 256 6.17 19.45 21.52
C ARG A 256 5.78 18.52 22.67
N GLY A 257 5.96 17.23 22.42
CA GLY A 257 5.90 16.22 23.46
C GLY A 257 4.50 15.77 23.90
N LYS A 258 3.48 16.20 23.17
CA LYS A 258 2.08 15.90 23.50
C LYS A 258 1.76 14.45 23.23
N THR A 259 1.03 13.84 24.13
CA THR A 259 0.80 12.40 24.10
C THR A 259 -0.62 12.15 24.55
N VAL A 260 -1.25 11.11 24.00
CA VAL A 260 -2.52 10.63 24.50
C VAL A 260 -2.35 9.89 25.82
N SER A 261 -3.31 10.10 26.73
CA SER A 261 -3.32 9.47 28.02
C SER A 261 -4.72 9.07 28.45
N THR A 262 -4.80 7.98 29.21
CA THR A 262 -6.00 7.60 29.93
C THR A 262 -5.94 8.18 31.32
N LEU A 263 -7.02 8.83 31.73
CA LEU A 263 -7.13 9.50 33.02
C LEU A 263 -8.23 8.79 33.79
N THR A 264 -7.93 8.44 35.03
CA THR A 264 -8.88 7.79 35.91
C THR A 264 -9.24 8.72 37.05
N PHE A 265 -10.52 8.94 37.26
CA PHE A 265 -10.97 9.80 38.40
C PHE A 265 -11.04 8.97 39.67
N SER A 266 -11.16 9.61 40.81
CA SER A 266 -11.16 8.89 42.07
C SER A 266 -12.39 7.98 42.28
N ASP A 267 -13.34 7.99 41.33
CA ASP A 267 -14.51 7.10 41.40
C ASP A 267 -14.30 5.94 40.45
N GLY A 268 -13.09 5.81 39.93
CA GLY A 268 -12.76 4.76 38.95
C GLY A 268 -13.21 5.01 37.50
N LYS A 269 -13.92 6.10 37.24
CA LYS A 269 -14.34 6.35 35.85
C LYS A 269 -13.22 6.97 35.02
N LYS A 270 -13.11 6.52 33.78
CA LYS A 270 -11.99 6.83 32.91
C LYS A 270 -12.42 7.66 31.72
N ILE A 271 -11.58 8.62 31.33
CA ILE A 271 -11.70 9.30 30.04
C ILE A 271 -10.33 9.22 29.39
N VAL A 272 -10.27 9.34 28.07
CA VAL A 272 -9.00 9.46 27.31
C VAL A 272 -8.73 10.94 26.90
N TYR A 273 -7.57 11.47 27.27
CA TYR A 273 -7.20 12.85 26.99
C TYR A 273 -6.42 12.83 25.70
N LYS A 274 -6.92 13.57 24.68
CA LYS A 274 -6.22 13.64 23.41
C LYS A 274 -5.88 15.09 23.04
N PRO A 275 -4.65 15.51 23.33
CA PRO A 275 -4.23 16.88 23.05
C PRO A 275 -3.86 17.05 21.57
N LYS A 276 -4.84 16.91 20.68
CA LYS A 276 -4.62 17.00 19.22
C LYS A 276 -5.60 17.98 18.52
N ILE A 277 -5.06 18.68 17.52
CA ILE A 277 -5.86 19.34 16.49
C ILE A 277 -6.92 18.34 16.10
N ASN A 278 -8.18 18.75 15.99
CA ASN A 278 -9.25 17.78 15.73
C ASN A 278 -10.51 18.42 15.10
N SER A 279 -11.39 17.62 14.50
CA SER A 279 -12.68 18.12 14.09
C SER A 279 -13.74 17.20 14.63
N GLU A 280 -13.71 16.91 15.94
CA GLU A 280 -14.56 15.84 16.43
C GLU A 280 -16.04 16.22 16.37
N ASN A 281 -16.37 17.51 16.45
CA ASN A 281 -17.78 17.93 16.39
C ASN A 281 -18.38 17.71 14.99
N LYS A 282 -17.63 18.08 13.96
CA LYS A 282 -18.05 17.82 12.58
C LYS A 282 -18.12 16.34 12.28
N LEU A 283 -17.22 15.55 12.87
CA LEU A 283 -17.20 14.13 12.59
C LEU A 283 -18.40 13.40 13.22
N ARG A 284 -18.74 13.81 14.44
CA ARG A 284 -19.95 13.32 15.09
C ARG A 284 -21.22 13.59 14.25
N ASP A 285 -21.45 14.83 13.85
CA ASP A 285 -22.60 15.15 12.99
C ASP A 285 -22.53 14.40 11.67
N PHE A 286 -21.34 14.24 11.11
CA PHE A 286 -21.19 13.37 9.95
C PHE A 286 -21.65 11.91 10.20
N PHE A 287 -21.14 11.29 11.26
CA PHE A 287 -21.52 9.91 11.58
C PHE A 287 -23.04 9.77 11.81
N GLU A 288 -23.65 10.78 12.44
CA GLU A 288 -25.09 10.79 12.61
C GLU A 288 -25.83 10.90 11.29
N PHE A 289 -25.29 11.68 10.37
CA PHE A 289 -25.89 11.75 9.07
C PHE A 289 -25.83 10.36 8.44
N LEU A 290 -24.68 9.71 8.55
CA LEU A 290 -24.46 8.41 7.92
C LEU A 290 -25.32 7.32 8.50
N ASN A 291 -25.55 7.38 9.80
CA ASN A 291 -26.45 6.45 10.45
C ASN A 291 -27.89 6.60 9.94
N LYS A 292 -28.32 7.84 9.74
CA LYS A 292 -29.68 8.11 9.22
C LYS A 292 -29.75 7.70 7.78
N GLU A 293 -28.88 8.26 6.95
CA GLU A 293 -28.97 8.07 5.51
C GLU A 293 -28.52 6.74 4.96
N LEU A 294 -27.41 6.21 5.47
CA LEU A 294 -26.86 4.97 4.92
C LEU A 294 -27.06 3.74 5.81
N GLU A 295 -27.82 3.91 6.89
CA GLU A 295 -27.96 2.86 7.92
C GLU A 295 -26.60 2.28 8.33
N ALA A 296 -25.63 3.17 8.47
CA ALA A 296 -24.23 2.87 8.77
C ALA A 296 -24.09 2.14 10.11
N ASP A 297 -24.95 2.50 11.07
CA ASP A 297 -24.98 1.87 12.39
C ASP A 297 -23.63 2.00 13.12
N ILE A 298 -22.96 3.12 12.91
CA ILE A 298 -21.67 3.44 13.57
C ILE A 298 -21.93 3.75 15.04
N TYR A 299 -21.10 3.17 15.92
CA TYR A 299 -21.16 3.46 17.35
C TYR A 299 -20.65 4.89 17.57
N ILE A 300 -21.47 5.75 18.15
CA ILE A 300 -21.08 7.15 18.37
C ILE A 300 -20.36 7.26 19.72
N VAL A 301 -19.05 7.49 19.68
CA VAL A 301 -18.28 7.64 20.94
C VAL A 301 -18.49 9.03 21.56
N LYS A 302 -18.93 9.08 22.82
CA LYS A 302 -19.08 10.36 23.56
C LYS A 302 -17.77 11.13 23.72
N LYS A 303 -17.82 12.44 23.48
CA LYS A 303 -16.65 13.31 23.55
C LYS A 303 -17.00 14.67 24.09
N VAL A 304 -16.05 15.27 24.80
CA VAL A 304 -16.07 16.69 25.11
C VAL A 304 -14.96 17.26 24.22
N THR A 305 -15.38 17.95 23.18
CA THR A 305 -14.50 18.54 22.16
C THR A 305 -14.16 20.00 22.45
N ARG A 306 -12.88 20.35 22.27
CA ARG A 306 -12.42 21.72 22.48
C ARG A 306 -11.55 22.08 21.32
N ASN A 307 -10.97 23.26 21.35
CA ASN A 307 -10.33 23.82 20.17
C ASN A 307 -9.10 23.02 19.68
N THR A 308 -8.09 22.80 20.54
CA THR A 308 -6.94 22.02 20.11
C THR A 308 -6.78 20.72 20.92
N TYR A 309 -7.87 20.21 21.49
CA TYR A 309 -7.85 18.93 22.24
C TYR A 309 -9.26 18.42 22.48
N PHE A 310 -9.38 17.15 22.86
CA PHE A 310 -10.66 16.64 23.25
C PHE A 310 -10.53 15.51 24.29
N TYR A 311 -11.62 15.21 24.99
CA TYR A 311 -11.66 14.05 25.85
C TYR A 311 -12.64 13.06 25.29
N GLU A 312 -12.28 11.79 25.39
CA GLU A 312 -13.07 10.76 24.76
C GLU A 312 -13.51 9.75 25.81
N GLU A 313 -14.72 9.22 25.63
CA GLU A 313 -15.26 8.10 26.40
C GLU A 313 -14.28 6.93 26.42
N TYR A 314 -14.08 6.30 27.57
CA TYR A 314 -13.25 5.09 27.61
C TYR A 314 -14.06 3.91 27.10
N ILE A 315 -13.58 3.25 26.05
CA ILE A 315 -14.33 2.15 25.41
C ILE A 315 -13.62 0.82 25.69
N ASP A 316 -14.25 -0.04 26.48
CA ASP A 316 -13.67 -1.36 26.76
C ASP A 316 -14.24 -2.52 25.90
N ASN A 317 -13.43 -3.58 25.82
CA ASN A 317 -13.73 -4.82 25.11
C ASN A 317 -14.72 -5.69 25.89
N ILE A 318 -15.97 -5.23 25.93
CA ILE A 318 -17.09 -5.95 26.53
C ILE A 318 -17.49 -7.21 25.74
N GLU A 319 -17.87 -8.26 26.47
CA GLU A 319 -18.21 -9.55 25.86
C GLU A 319 -19.47 -9.41 25.01
N ILE A 320 -19.51 -10.16 23.92
CA ILE A 320 -20.70 -10.29 23.09
C ILE A 320 -21.52 -11.50 23.58
N ASN A 321 -22.84 -11.37 23.57
CA ASN A 321 -23.73 -12.36 24.22
C ASN A 321 -23.91 -13.70 23.49
N ASN A 322 -24.32 -13.65 22.23
CA ASN A 322 -24.66 -14.85 21.46
C ASN A 322 -24.11 -14.80 20.03
N ILE A 323 -24.38 -15.86 19.25
CA ILE A 323 -23.97 -15.97 17.86
C ILE A 323 -24.73 -15.02 16.93
N GLU A 324 -25.97 -14.73 17.30
CA GLU A 324 -26.82 -13.83 16.50
C GLU A 324 -26.21 -12.42 16.48
N GLU A 325 -25.59 -12.03 17.61
CA GLU A 325 -24.89 -10.75 17.73
C GLU A 325 -23.53 -10.73 16.98
N VAL A 326 -22.89 -11.89 16.86
CA VAL A 326 -21.58 -11.99 16.18
C VAL A 326 -21.76 -11.70 14.70
N LYS A 327 -22.86 -12.21 14.15
CA LYS A 327 -23.24 -11.95 12.77
C LYS A 327 -23.46 -10.45 12.59
N LYS A 328 -24.17 -9.85 13.55
CA LYS A 328 -24.39 -8.42 13.53
C LYS A 328 -23.10 -7.63 13.63
N TYR A 329 -22.20 -8.08 14.51
CA TYR A 329 -20.88 -7.47 14.68
C TYR A 329 -20.11 -7.41 13.39
N TYR A 330 -20.04 -8.54 12.69
CA TYR A 330 -19.24 -8.59 11.47
C TYR A 330 -19.92 -7.96 10.27
N GLU A 331 -21.25 -7.90 10.25
CA GLU A 331 -21.94 -7.04 9.31
C GLU A 331 -21.53 -5.57 9.54
N ARG A 332 -21.57 -5.13 10.78
CA ARG A 332 -21.24 -3.73 11.08
C ARG A 332 -19.82 -3.44 10.67
N TYR A 333 -18.95 -4.44 10.82
CA TYR A 333 -17.57 -4.35 10.36
C TYR A 333 -17.48 -4.19 8.84
N GLY A 334 -18.28 -4.94 8.09
CA GLY A 334 -18.35 -4.75 6.65
C GLY A 334 -18.83 -3.35 6.28
N LYS A 335 -19.82 -2.86 7.01
CA LYS A 335 -20.28 -1.49 6.87
C LYS A 335 -19.15 -0.45 7.06
N LEU A 336 -18.32 -0.63 8.09
CA LEU A 336 -17.26 0.33 8.35
C LEU A 336 -16.27 0.33 7.22
N ILE A 337 -16.11 -0.81 6.58
CA ILE A 337 -15.19 -0.91 5.44
C ILE A 337 -15.78 -0.10 4.26
N GLY A 338 -17.06 -0.26 4.02
CA GLY A 338 -17.73 0.46 2.94
C GLY A 338 -17.57 1.96 3.14
N ILE A 339 -17.87 2.40 4.35
CA ILE A 339 -17.74 3.80 4.79
C ILE A 339 -16.31 4.30 4.64
N ALA A 340 -15.36 3.48 5.04
CA ALA A 340 -13.95 3.87 4.93
C ALA A 340 -13.57 4.05 3.46
N PHE A 341 -14.00 3.12 2.60
CA PHE A 341 -13.76 3.26 1.16
C PHE A 341 -14.33 4.58 0.60
N LEU A 342 -15.60 4.87 0.93
CA LEU A 342 -16.35 5.96 0.28
C LEU A 342 -15.74 7.33 0.56
N PHE A 343 -15.14 7.48 1.74
CA PHE A 343 -14.70 8.79 2.21
C PHE A 343 -13.21 8.86 2.36
N ASN A 344 -12.54 8.02 1.57
CA ASN A 344 -11.07 7.98 1.47
C ASN A 344 -10.30 7.89 2.81
N VAL A 345 -10.81 7.05 3.71
CA VAL A 345 -10.15 6.83 4.99
C VAL A 345 -8.90 5.99 4.82
N THR A 346 -7.78 6.47 5.36
CA THR A 346 -6.55 5.64 5.46
C THR A 346 -6.05 5.53 6.90
N ASP A 347 -5.05 4.67 7.09
CA ASP A 347 -4.42 4.42 8.39
C ASP A 347 -5.37 3.99 9.48
N LEU A 348 -6.34 3.14 9.21
CA LEU A 348 -7.25 2.79 10.30
C LEU A 348 -6.71 1.71 11.22
N HIS A 349 -6.30 0.60 10.63
CA HIS A 349 -5.70 -0.53 11.32
C HIS A 349 -6.71 -1.31 12.11
N TYR A 350 -7.09 -2.45 11.53
CA TYR A 350 -8.03 -3.44 12.12
C TYR A 350 -7.61 -3.88 13.54
N GLU A 351 -6.29 -3.99 13.76
CA GLU A 351 -5.75 -4.01 15.12
C GLU A 351 -5.87 -2.57 15.57
N ASN A 352 -6.65 -2.33 16.63
CA ASN A 352 -7.07 -0.96 17.08
C ASN A 352 -8.57 -0.72 17.04
N ILE A 353 -9.30 -1.51 16.28
CA ILE A 353 -10.74 -1.53 16.42
C ILE A 353 -10.99 -2.05 17.83
N ILE A 354 -11.93 -1.46 18.56
CA ILE A 354 -12.29 -2.08 19.82
C ILE A 354 -13.62 -2.80 19.65
N ALA A 355 -13.63 -4.08 20.01
CA ALA A 355 -14.87 -4.86 19.97
C ALA A 355 -15.67 -4.59 21.21
N HIS A 356 -16.66 -3.71 21.10
CA HIS A 356 -17.45 -3.33 22.23
C HIS A 356 -18.79 -4.04 22.18
N GLY A 357 -18.86 -5.22 22.81
CA GLY A 357 -20.05 -6.07 22.74
C GLY A 357 -20.30 -6.37 21.28
N GLU A 358 -21.47 -6.05 20.78
CA GLU A 358 -21.79 -6.34 19.39
C GLU A 358 -21.39 -5.21 18.43
N TYR A 359 -20.59 -4.26 18.89
CA TYR A 359 -20.17 -3.15 18.08
C TYR A 359 -18.68 -3.08 17.91
N PRO A 360 -18.20 -3.05 16.65
CA PRO A 360 -16.83 -2.61 16.41
C PRO A 360 -16.78 -1.09 16.54
N VAL A 361 -15.81 -0.57 17.28
CA VAL A 361 -15.77 0.83 17.58
C VAL A 361 -14.43 1.37 17.08
N ILE A 362 -14.50 2.44 16.28
CA ILE A 362 -13.32 3.19 15.86
C ILE A 362 -13.06 4.19 16.96
N ILE A 363 -11.82 4.25 17.42
CA ILE A 363 -11.48 5.22 18.46
C ILE A 363 -10.52 6.28 17.95
N ASP A 364 -10.14 6.18 16.69
CA ASP A 364 -9.31 7.19 16.02
C ASP A 364 -9.90 7.55 14.67
N ASN A 365 -10.50 8.72 14.54
CA ASN A 365 -11.12 9.01 13.25
C ASN A 365 -10.63 10.31 12.65
N GLU A 366 -9.35 10.55 12.85
CA GLU A 366 -8.75 11.78 12.39
C GLU A 366 -8.20 11.67 10.97
N THR A 367 -8.38 10.53 10.33
CA THR A 367 -7.84 10.29 8.96
C THR A 367 -8.93 9.91 7.92
N PHE A 368 -10.07 10.58 7.98
CA PHE A 368 -11.04 10.61 6.87
C PHE A 368 -10.54 11.57 5.79
N PHE A 369 -11.13 11.50 4.60
CA PHE A 369 -10.86 12.46 3.53
C PHE A 369 -9.37 12.63 3.17
N GLN A 370 -8.73 11.51 2.86
CA GLN A 370 -7.31 11.51 2.59
C GLN A 370 -7.03 11.75 1.11
N GLN A 371 -5.77 11.94 0.78
CA GLN A 371 -5.35 12.00 -0.59
C GLN A 371 -4.11 11.15 -0.72
N ASN A 372 -3.78 10.68 -1.91
CA ASN A 372 -2.51 9.98 -2.10
C ASN A 372 -1.34 10.91 -1.76
N ILE A 373 -0.36 10.35 -1.06
CA ILE A 373 0.88 11.07 -0.77
C ILE A 373 1.58 11.38 -2.11
N PRO A 374 2.01 12.65 -2.30
CA PRO A 374 2.74 13.01 -3.51
C PRO A 374 4.17 12.48 -3.48
N ILE A 375 4.26 11.17 -3.69
CA ILE A 375 5.50 10.44 -3.89
C ILE A 375 5.77 10.53 -5.40
N GLU A 376 6.99 10.24 -5.81
CA GLU A 376 7.30 10.18 -7.25
C GLU A 376 6.91 8.83 -7.84
N PHE A 377 6.18 8.90 -8.94
CA PHE A 377 5.89 7.72 -9.75
C PHE A 377 6.09 8.09 -11.22
N GLY A 378 6.33 7.10 -12.07
CA GLY A 378 6.44 7.36 -13.50
C GLY A 378 5.18 7.98 -14.07
N ASN A 379 5.20 8.35 -15.34
CA ASN A 379 3.99 8.82 -15.98
C ASN A 379 3.56 7.90 -17.12
N SER A 380 3.18 6.68 -16.76
CA SER A 380 2.66 5.70 -17.70
C SER A 380 1.21 5.40 -17.32
N ALA A 381 0.52 4.62 -18.16
CA ALA A 381 -0.85 4.19 -17.86
C ALA A 381 -0.77 3.10 -16.81
N THR A 382 0.34 2.37 -16.83
CA THR A 382 0.53 1.27 -15.89
C THR A 382 0.90 1.68 -14.46
N VAL A 383 1.38 2.91 -14.23
CA VAL A 383 1.46 3.40 -12.84
C VAL A 383 0.14 4.03 -12.43
N ASP A 384 -0.53 4.68 -13.38
CA ASP A 384 -1.89 5.19 -13.15
C ASP A 384 -2.83 4.05 -12.74
N ALA A 385 -2.51 2.85 -13.21
CA ALA A 385 -3.27 1.66 -12.89
C ALA A 385 -3.05 1.28 -11.41
N LYS A 386 -1.84 1.53 -10.92
CA LYS A 386 -1.52 1.37 -9.48
C LYS A 386 -2.37 2.24 -8.57
N TYR A 387 -2.76 3.41 -9.08
CA TYR A 387 -3.57 4.36 -8.30
C TYR A 387 -4.92 3.78 -7.88
N LYS A 388 -5.48 2.89 -8.69
CA LYS A 388 -6.78 2.27 -8.38
C LYS A 388 -6.75 1.31 -7.18
N TYR A 389 -5.59 0.70 -6.92
CA TYR A 389 -5.36 0.04 -5.64
C TYR A 389 -5.33 1.05 -4.47
N LEU A 390 -4.60 2.15 -4.68
CA LEU A 390 -4.51 3.23 -3.70
C LEU A 390 -5.86 3.93 -3.54
N ASP A 391 -6.81 3.53 -4.38
CA ASP A 391 -8.17 4.05 -4.32
C ASP A 391 -9.17 3.01 -3.81
N SER A 392 -8.66 1.83 -3.44
CA SER A 392 -9.49 0.72 -3.03
C SER A 392 -9.63 0.56 -1.51
N ILE A 393 -10.39 -0.45 -1.15
CA ILE A 393 -10.63 -0.87 0.20
C ILE A 393 -9.36 -1.31 0.96
N MET A 394 -8.32 -1.69 0.22
CA MET A 394 -7.11 -2.25 0.81
C MET A 394 -6.30 -1.21 1.57
N VAL A 395 -6.40 0.04 1.15
CA VAL A 395 -5.63 1.14 1.70
C VAL A 395 -6.27 1.72 2.98
N THR A 396 -7.47 1.25 3.33
CA THR A 396 -8.16 1.83 4.48
C THR A 396 -7.53 1.43 5.80
N GLY A 397 -6.91 0.27 5.84
CA GLY A 397 -6.32 -0.25 7.05
C GLY A 397 -7.26 -1.21 7.72
N LEU A 398 -8.51 -1.29 7.26
CA LEU A 398 -9.53 -2.11 7.96
C LEU A 398 -9.62 -3.55 7.49
N VAL A 399 -9.02 -3.86 6.35
CA VAL A 399 -9.14 -5.19 5.76
C VAL A 399 -7.94 -6.05 6.14
N PRO A 400 -8.19 -7.18 6.83
CA PRO A 400 -7.15 -8.19 7.08
C PRO A 400 -6.66 -8.84 5.78
N LYS A 455 -7.55 -6.52 21.32
CA LYS A 455 -8.81 -5.90 21.76
C LYS A 455 -9.83 -5.77 20.62
N ASN A 456 -9.42 -6.18 19.42
CA ASN A 456 -10.26 -6.05 18.23
C ASN A 456 -11.22 -7.20 17.93
N THR A 457 -11.17 -8.26 18.74
CA THR A 457 -11.98 -9.47 18.53
C THR A 457 -13.08 -9.65 19.61
N PRO A 458 -14.36 -9.80 19.17
CA PRO A 458 -15.66 -9.76 19.91
C PRO A 458 -15.83 -10.39 21.33
N ILE A 459 -15.24 -11.58 21.55
CA ILE A 459 -15.27 -12.38 22.82
C ILE A 459 -16.61 -12.86 23.39
N MET A 460 -16.76 -14.19 23.40
CA MET A 460 -17.96 -14.86 23.90
C MET A 460 -17.56 -16.06 24.76
N ASN A 461 -17.95 -16.05 26.03
CA ASN A 461 -17.49 -17.04 27.02
C ASN A 461 -15.96 -17.16 27.08
N ASN A 462 -15.30 -16.02 27.32
CA ASN A 462 -13.81 -15.92 27.34
C ASN A 462 -13.11 -16.41 26.08
N GLU A 463 -13.91 -16.72 25.05
CA GLU A 463 -13.41 -17.15 23.75
C GLU A 463 -13.45 -16.06 22.66
N LYS A 464 -12.28 -15.78 22.08
CA LYS A 464 -12.15 -14.92 20.91
C LYS A 464 -12.85 -15.50 19.69
N ILE A 465 -13.75 -14.73 19.08
CA ILE A 465 -14.47 -15.14 17.86
C ILE A 465 -13.94 -14.35 16.65
N SER A 466 -13.04 -14.96 15.89
CA SER A 466 -12.47 -14.36 14.67
C SER A 466 -13.55 -14.34 13.58
N PHE A 467 -13.19 -13.82 12.40
CA PHE A 467 -14.16 -13.70 11.29
C PHE A 467 -14.43 -15.02 10.57
N ILE A 468 -13.71 -16.06 10.95
CA ILE A 468 -13.83 -17.37 10.31
C ILE A 468 -15.29 -17.85 10.33
N SER A 469 -15.82 -18.15 9.15
CA SER A 469 -17.22 -18.54 8.97
C SER A 469 -18.20 -17.36 9.09
N TYR A 470 -17.67 -16.15 9.20
CA TYR A 470 -18.49 -14.95 9.20
C TYR A 470 -18.11 -14.02 8.09
N GLU A 471 -17.20 -14.45 7.24
CA GLU A 471 -16.74 -13.63 6.13
C GLU A 471 -17.93 -13.08 5.34
N LYS A 472 -18.88 -13.95 5.03
CA LYS A 472 -20.10 -13.60 4.30
C LYS A 472 -20.75 -12.29 4.76
N TYR A 473 -20.86 -12.13 6.08
CA TYR A 473 -21.57 -11.02 6.70
C TYR A 473 -20.81 -9.71 6.57
N ILE A 474 -19.48 -9.79 6.50
CA ILE A 474 -18.65 -8.62 6.29
C ILE A 474 -18.89 -8.13 4.86
N VAL A 475 -18.77 -9.07 3.91
CA VAL A 475 -19.04 -8.80 2.49
C VAL A 475 -20.40 -8.14 2.29
N THR A 476 -21.46 -8.73 2.84
CA THR A 476 -22.80 -8.15 2.80
C THR A 476 -22.90 -6.76 3.42
N GLY A 477 -22.27 -6.57 4.58
CA GLY A 477 -22.24 -5.27 5.23
C GLY A 477 -21.70 -4.24 4.26
N MET A 478 -20.53 -4.53 3.71
CA MET A 478 -19.87 -3.60 2.81
C MET A 478 -20.65 -3.28 1.54
N LYS A 479 -21.17 -4.33 0.90
CA LYS A 479 -21.98 -4.22 -0.33
C LYS A 479 -23.18 -3.34 -0.15
N SER A 480 -23.91 -3.56 0.95
CA SER A 480 -25.12 -2.80 1.23
C SER A 480 -24.87 -1.32 1.45
N ILE A 481 -23.71 -0.99 1.98
CA ILE A 481 -23.36 0.39 2.24
C ILE A 481 -23.03 1.04 0.90
N LEU A 482 -22.22 0.37 0.09
CA LEU A 482 -21.79 0.89 -1.20
C LEU A 482 -22.96 1.04 -2.17
N MET A 483 -23.88 0.07 -2.16
CA MET A 483 -25.08 0.16 -2.99
C MET A 483 -25.99 1.30 -2.54
N LYS A 484 -26.28 1.37 -1.24
CA LYS A 484 -27.10 2.45 -0.71
C LYS A 484 -26.50 3.83 -0.98
N ALA A 485 -25.18 3.91 -0.92
CA ALA A 485 -24.50 5.19 -1.08
C ALA A 485 -24.60 5.59 -2.53
N LYS A 486 -24.51 4.59 -3.42
CA LYS A 486 -24.66 4.82 -4.86
C LYS A 486 -26.02 5.45 -5.20
N ASP A 487 -27.05 5.01 -4.50
CA ASP A 487 -28.39 5.58 -4.62
C ASP A 487 -28.58 6.87 -3.85
N SER A 488 -27.59 7.26 -3.06
CA SER A 488 -27.75 8.47 -2.24
C SER A 488 -26.73 9.53 -2.59
N LYS A 489 -26.17 9.44 -3.79
CA LYS A 489 -25.13 10.38 -4.23
C LYS A 489 -25.44 11.81 -3.82
N LYS A 490 -26.58 12.33 -4.27
CA LYS A 490 -26.87 13.76 -4.12
C LYS A 490 -26.98 14.19 -2.66
N LYS A 491 -27.60 13.36 -1.82
CA LYS A 491 -27.63 13.59 -0.40
C LYS A 491 -26.23 13.60 0.25
N ILE A 492 -25.33 12.70 -0.19
CA ILE A 492 -23.98 12.61 0.39
C ILE A 492 -23.20 13.86 -0.02
N LEU A 493 -23.25 14.18 -1.32
CA LEU A 493 -22.54 15.32 -1.88
C LEU A 493 -23.00 16.61 -1.27
N ALA A 494 -24.30 16.71 -1.03
CA ALA A 494 -24.86 17.89 -0.42
C ALA A 494 -24.44 17.99 1.06
N TYR A 495 -24.36 16.85 1.75
CA TYR A 495 -23.91 16.92 3.14
C TYR A 495 -22.47 17.45 3.19
N ILE A 496 -21.62 16.88 2.35
CA ILE A 496 -20.19 17.19 2.40
C ILE A 496 -20.05 18.69 2.18
N ASN A 497 -20.61 19.17 1.07
CA ASN A 497 -20.59 20.60 0.73
C ASN A 497 -21.23 21.50 1.77
N ASN A 498 -22.31 21.03 2.38
CA ASN A 498 -22.99 21.78 3.42
C ASN A 498 -22.17 21.91 4.71
N ASN A 499 -21.45 20.86 5.09
CA ASN A 499 -20.90 20.79 6.45
C ASN A 499 -19.39 20.62 6.53
N LEU A 500 -18.77 20.07 5.50
CA LEU A 500 -17.40 19.56 5.63
C LEU A 500 -16.33 20.22 4.78
N GLN A 501 -16.65 21.33 4.11
CA GLN A 501 -15.63 21.99 3.25
C GLN A 501 -14.35 22.42 3.97
N ASN A 502 -14.44 22.76 5.25
CA ASN A 502 -13.22 23.08 6.01
C ASN A 502 -12.77 22.03 7.03
N LEU A 503 -13.08 20.76 6.77
CA LEU A 503 -12.74 19.69 7.68
C LEU A 503 -11.22 19.68 7.84
N ILE A 504 -10.72 19.78 9.07
CA ILE A 504 -9.29 19.53 9.27
C ILE A 504 -9.10 18.06 9.65
N VAL A 505 -8.25 17.38 8.90
CA VAL A 505 -7.91 15.97 9.13
C VAL A 505 -6.39 15.83 9.16
N ARG A 506 -5.92 14.73 9.74
CA ARG A 506 -4.50 14.42 9.81
C ARG A 506 -4.08 13.76 8.50
N ASN A 507 -2.82 13.97 8.10
CA ASN A 507 -2.23 13.22 6.97
C ASN A 507 -0.95 12.54 7.42
N VAL A 508 -0.94 11.20 7.38
CA VAL A 508 0.28 10.44 7.60
C VAL A 508 1.04 10.33 6.27
N ILE A 509 2.07 11.15 6.09
CA ILE A 509 2.74 11.23 4.79
C ILE A 509 3.97 10.32 4.70
N ARG A 510 4.26 9.63 5.80
CA ARG A 510 5.36 8.70 5.87
C ARG A 510 5.00 7.83 7.06
N PRO A 511 5.18 6.49 6.95
CA PRO A 511 4.72 5.64 8.05
C PRO A 511 5.44 5.93 9.37
N THR A 512 4.72 5.77 10.48
CA THR A 512 5.19 6.12 11.81
C THR A 512 6.47 5.35 12.15
N GLN A 513 6.52 4.08 11.75
CA GLN A 513 7.64 3.21 12.08
C GLN A 513 8.93 3.73 11.50
N ARG A 514 8.88 4.24 10.27
CA ARG A 514 10.05 4.90 9.69
C ARG A 514 10.50 6.04 10.58
N TYR A 515 9.56 6.82 11.10
CA TYR A 515 9.93 7.96 11.93
C TYR A 515 10.48 7.42 13.22
N ALA A 516 9.85 6.39 13.76
CA ALA A 516 10.26 5.84 15.04
C ALA A 516 11.70 5.33 14.95
N ASP A 517 11.99 4.52 13.94
CA ASP A 517 13.35 3.99 13.73
C ASP A 517 14.39 5.11 13.66
N MET A 518 14.13 6.08 12.79
CA MET A 518 14.97 7.24 12.65
C MET A 518 15.32 7.87 14.01
N LEU A 519 14.32 8.00 14.86
CA LEU A 519 14.48 8.68 16.15
C LEU A 519 15.43 7.91 17.05
N GLU A 520 15.22 6.59 17.12
CA GLU A 520 16.10 5.66 17.86
C GLU A 520 17.56 5.71 17.40
N PHE A 521 17.78 5.65 16.09
CA PHE A 521 19.13 5.82 15.54
C PHE A 521 19.72 7.14 15.99
N SER A 522 18.90 8.18 16.02
CA SER A 522 19.33 9.52 16.43
C SER A 522 19.60 9.58 17.93
N TYR A 523 19.25 8.52 18.66
CA TYR A 523 19.57 8.44 20.09
C TYR A 523 20.88 7.70 20.38
N HIS A 524 21.70 7.49 19.35
CA HIS A 524 22.98 6.81 19.56
C HIS A 524 23.93 7.71 20.35
N PRO A 525 24.67 7.13 21.32
CA PRO A 525 25.68 7.89 22.08
C PRO A 525 26.51 8.82 21.21
N ASN A 526 26.84 8.39 19.99
CA ASN A 526 27.61 9.19 19.05
C ASN A 526 26.85 10.40 18.52
N CYS A 527 25.53 10.28 18.50
CA CYS A 527 24.67 11.38 18.13
C CYS A 527 24.56 12.33 19.30
N PHE A 528 24.60 11.78 20.51
CA PHE A 528 24.46 12.59 21.71
C PHE A 528 25.77 13.25 22.13
N SER A 529 26.90 12.72 21.65
CA SER A 529 28.24 13.30 21.93
C SER A 529 28.53 14.50 21.04
N ASN A 530 27.92 14.53 19.86
CA ASN A 530 28.12 15.60 18.89
C ASN A 530 26.84 15.84 18.09
N ALA A 531 26.24 17.02 18.27
CA ALA A 531 25.01 17.41 17.56
C ALA A 531 25.14 17.23 16.04
N ILE A 532 26.28 17.66 15.50
CA ILE A 532 26.66 17.48 14.08
C ILE A 532 26.42 16.04 13.63
N GLU A 533 26.81 15.08 14.47
CA GLU A 533 26.66 13.67 14.17
C GLU A 533 25.18 13.27 14.16
N ARG A 534 24.41 13.76 15.14
CA ARG A 534 22.97 13.53 15.16
C ARG A 534 22.29 14.16 13.95
N GLU A 535 22.68 15.39 13.65
CA GLU A 535 22.17 16.11 12.49
C GLU A 535 22.35 15.30 11.19
N LYS A 536 23.51 14.67 11.00
CA LYS A 536 23.80 13.90 9.78
C LYS A 536 22.95 12.66 9.67
N VAL A 537 22.77 11.98 10.81
CA VAL A 537 21.93 10.81 10.90
C VAL A 537 20.52 11.16 10.43
N LEU A 538 20.06 12.34 10.81
CA LEU A 538 18.73 12.80 10.39
C LEU A 538 18.70 13.28 8.93
N HIS A 539 19.85 13.67 8.39
CA HIS A 539 19.93 14.13 6.99
C HIS A 539 19.31 13.12 6.02
N ASN A 540 19.33 11.84 6.39
CA ASN A 540 18.75 10.78 5.57
C ASN A 540 17.28 10.97 5.21
N MET A 541 16.52 11.64 6.07
CA MET A 541 15.13 11.97 5.79
C MET A 541 14.96 12.58 4.39
N TRP A 542 15.99 13.27 3.90
CA TRP A 542 15.99 13.88 2.57
C TRP A 542 16.01 12.89 1.39
N ALA A 543 16.18 11.60 1.67
CA ALA A 543 16.16 10.57 0.64
C ALA A 543 14.75 10.21 0.14
N TYR A 544 13.73 10.40 0.98
CA TYR A 544 12.36 9.99 0.66
C TYR A 544 11.84 10.71 -0.59
N PRO A 545 11.17 9.95 -1.48
CA PRO A 545 10.87 10.53 -2.80
C PRO A 545 9.64 11.45 -2.86
N TYR A 546 9.58 12.44 -1.97
CA TYR A 546 8.50 13.42 -2.04
C TYR A 546 8.65 14.20 -3.33
N LYS A 547 7.51 14.57 -3.93
CA LYS A 547 7.51 15.47 -5.07
C LYS A 547 7.99 16.83 -4.59
N ASN A 548 7.45 17.27 -3.46
CA ASN A 548 7.88 18.50 -2.81
C ASN A 548 8.62 18.18 -1.50
N LYS A 549 9.93 18.42 -1.47
CA LYS A 549 10.75 18.09 -0.30
C LYS A 549 10.79 19.18 0.81
N LYS A 550 10.21 20.34 0.53
CA LYS A 550 10.03 21.41 1.52
C LYS A 550 9.46 20.88 2.86
N VAL A 551 8.74 19.77 2.80
CA VAL A 551 8.12 19.15 3.96
C VAL A 551 9.15 18.53 4.91
N VAL A 552 10.29 18.08 4.38
CA VAL A 552 11.28 17.37 5.18
C VAL A 552 11.89 18.28 6.26
N HIS A 553 11.98 19.57 5.96
CA HIS A 553 12.49 20.52 6.96
C HIS A 553 11.66 20.40 8.26
N TYR A 554 10.35 20.25 8.10
CA TYR A 554 9.43 20.12 9.23
C TYR A 554 9.53 18.79 9.94
N GLU A 555 9.71 17.70 9.22
CA GLU A 555 9.95 16.40 9.84
C GLU A 555 11.21 16.46 10.73
N PHE A 556 12.26 17.07 10.17
CA PHE A 556 13.57 17.17 10.83
C PHE A 556 13.40 17.92 12.11
N SER A 557 12.71 19.04 12.03
CA SER A 557 12.44 19.88 13.20
C SER A 557 11.64 19.18 14.33
N ASP A 558 10.69 18.30 13.98
CA ASP A 558 10.04 17.49 14.99
C ASP A 558 11.01 16.47 15.59
N LEU A 559 11.74 15.77 14.74
CA LEU A 559 12.68 14.74 15.18
C LEU A 559 13.86 15.24 16.03
N ILE A 560 14.51 16.36 15.68
CA ILE A 560 15.54 16.87 16.58
C ILE A 560 14.89 17.27 17.91
N ASP A 561 13.72 17.92 17.82
CA ASP A 561 12.87 18.37 18.94
C ASP A 561 12.53 17.04 19.76
N GLY A 562 12.78 15.86 19.17
CA GLY A 562 12.43 14.55 19.82
C GLY A 562 11.02 13.95 19.57
N ASP A 563 10.24 14.55 18.66
CA ASP A 563 8.86 14.12 18.41
C ASP A 563 8.68 13.34 17.09
N ILE A 564 7.61 12.54 17.01
CA ILE A 564 7.16 12.05 15.72
C ILE A 564 6.51 13.23 14.96
N PRO A 565 6.90 13.44 13.71
CA PRO A 565 6.26 14.49 12.93
C PRO A 565 4.79 14.22 12.71
N ILE A 566 4.03 15.32 12.64
CA ILE A 566 2.61 15.20 12.43
C ILE A 566 2.17 16.31 11.49
N PHE A 567 1.25 15.97 10.59
CA PHE A 567 0.75 16.92 9.60
C PHE A 567 -0.76 16.86 9.50
N TYR A 568 -1.36 18.03 9.28
CA TYR A 568 -2.80 18.18 9.15
C TYR A 568 -3.14 18.84 7.81
N ASN A 569 -4.43 18.85 7.46
CA ASN A 569 -4.88 19.36 6.15
C ASN A 569 -6.34 19.73 6.21
N ASN A 570 -6.66 20.95 5.76
CA ASN A 570 -8.04 21.40 5.52
C ASN A 570 -8.41 20.77 4.19
N ILE A 571 -9.51 20.04 4.16
CA ILE A 571 -9.76 19.21 2.97
C ILE A 571 -10.06 20.00 1.69
N SER A 572 -10.36 21.29 1.81
CA SER A 572 -10.57 22.07 0.58
C SER A 572 -9.29 22.72 0.08
N LYS A 573 -8.23 22.73 0.89
CA LYS A 573 -6.96 23.32 0.44
C LYS A 573 -5.96 22.27 0.01
N THR A 574 -4.90 22.72 -0.64
CA THR A 574 -3.86 21.84 -1.13
C THR A 574 -2.58 21.96 -0.29
N SER A 575 -2.66 22.64 0.85
CA SER A 575 -1.50 22.77 1.71
C SER A 575 -1.48 21.79 2.89
N LEU A 576 -0.27 21.48 3.39
CA LEU A 576 -0.09 20.81 4.67
C LEU A 576 0.11 21.80 5.80
N ILE A 577 -0.52 21.51 6.93
CA ILE A 577 -0.30 22.21 8.19
C ILE A 577 0.75 21.42 8.99
N ALA A 578 1.92 22.03 9.25
CA ALA A 578 3.00 21.36 9.99
C ALA A 578 2.72 21.45 11.48
N SER A 579 3.48 20.69 12.27
CA SER A 579 3.26 20.58 13.73
C SER A 579 3.22 21.88 14.48
N ASP A 580 3.86 22.92 13.95
CA ASP A 580 3.87 24.26 14.58
C ASP A 580 2.89 25.24 13.92
N GLY A 581 2.00 24.73 13.09
CA GLY A 581 1.01 25.59 12.44
C GLY A 581 1.44 26.24 11.15
N CYS A 582 2.68 26.00 10.72
CA CYS A 582 3.18 26.54 9.45
C CYS A 582 2.62 25.78 8.28
N LEU A 583 2.35 26.50 7.20
CA LEU A 583 1.80 25.89 5.99
C LEU A 583 2.90 25.48 5.04
N VAL A 584 2.69 24.38 4.33
CA VAL A 584 3.50 24.02 3.17
C VAL A 584 2.53 24.11 1.99
N GLU A 585 2.48 25.28 1.35
CA GLU A 585 1.51 25.56 0.27
C GLU A 585 1.74 24.64 -0.92
N ASP A 586 0.68 24.37 -1.67
CA ASP A 586 0.76 23.58 -2.91
C ASP A 586 1.40 22.20 -2.76
N PHE A 587 1.25 21.61 -1.59
CA PHE A 587 1.69 20.23 -1.35
C PHE A 587 0.92 19.23 -2.22
N TYR A 588 -0.39 19.42 -2.35
CA TYR A 588 -1.22 18.56 -3.17
C TYR A 588 -1.61 19.29 -4.43
N GLN A 589 -2.01 18.55 -5.46
CA GLN A 589 -2.50 19.17 -6.70
C GLN A 589 -4.02 19.32 -6.73
N GLU A 590 -4.71 18.28 -6.28
CA GLU A 590 -6.14 18.34 -6.16
C GLU A 590 -6.45 18.31 -4.65
N SER A 591 -7.56 18.89 -4.24
CA SER A 591 -7.94 18.87 -2.85
C SER A 591 -8.56 17.52 -2.48
N ALA A 592 -8.38 17.11 -1.23
CA ALA A 592 -9.05 15.95 -0.67
C ALA A 592 -10.56 16.05 -0.83
N LEU A 593 -11.12 17.24 -0.67
CA LEU A 593 -12.55 17.44 -0.86
C LEU A 593 -13.01 17.04 -2.26
N ASN A 594 -12.32 17.52 -3.30
CA ASN A 594 -12.66 17.17 -4.67
C ASN A 594 -12.45 15.70 -5.02
N ARG A 595 -11.35 15.13 -4.53
CA ARG A 595 -11.07 13.71 -4.72
C ARG A 595 -12.25 12.86 -4.21
N CYS A 596 -12.83 13.24 -3.08
CA CYS A 596 -13.94 12.47 -2.52
C CYS A 596 -15.28 12.73 -3.23
N LEU A 597 -15.58 14.01 -3.49
CA LEU A 597 -16.76 14.39 -4.30
C LEU A 597 -16.84 13.62 -5.62
N ASN A 598 -15.72 13.48 -6.31
CA ASN A 598 -15.64 12.73 -7.55
C ASN A 598 -15.84 11.23 -7.38
N LYS A 599 -15.11 10.65 -6.42
CA LYS A 599 -15.27 9.25 -6.09
C LYS A 599 -16.76 8.96 -5.84
N ILE A 600 -17.40 9.76 -5.01
CA ILE A 600 -18.84 9.64 -4.72
C ILE A 600 -19.67 9.84 -6.02
N ASN A 601 -19.41 10.92 -6.75
CA ASN A 601 -20.12 11.22 -7.98
C ASN A 601 -20.00 10.08 -8.98
N ASP A 602 -18.78 9.56 -9.15
CA ASP A 602 -18.47 8.53 -10.14
C ASP A 602 -18.77 7.10 -9.71
N LEU A 603 -19.32 6.91 -8.51
CA LEU A 603 -19.51 5.56 -7.98
C LEU A 603 -20.47 4.73 -8.82
N CYS A 604 -20.00 3.57 -9.29
CA CYS A 604 -20.79 2.69 -10.16
C CYS A 604 -20.70 1.20 -9.80
N ASP A 605 -21.57 0.40 -10.43
CA ASP A 605 -21.63 -1.05 -10.21
C ASP A 605 -20.30 -1.77 -10.40
N GLU A 606 -19.49 -1.27 -11.31
CA GLU A 606 -18.19 -1.85 -11.59
C GLU A 606 -17.27 -1.71 -10.37
N ASP A 607 -17.33 -0.55 -9.71
CA ASP A 607 -16.50 -0.26 -8.54
C ASP A 607 -16.95 -1.13 -7.39
N ILE A 608 -18.25 -1.22 -7.19
CA ILE A 608 -18.75 -2.07 -6.11
C ILE A 608 -18.22 -3.48 -6.32
N SER A 609 -18.17 -3.89 -7.59
CA SER A 609 -17.88 -5.27 -7.94
C SER A 609 -16.42 -5.55 -7.63
N ILE A 610 -15.53 -4.63 -8.01
CA ILE A 610 -14.10 -4.84 -7.74
C ILE A 610 -13.78 -4.81 -6.24
N GLN A 611 -14.56 -4.06 -5.46
CA GLN A 611 -14.30 -3.91 -4.03
C GLN A 611 -14.70 -5.19 -3.30
N THR A 612 -15.76 -5.81 -3.80
CA THR A 612 -16.20 -7.13 -3.35
C THR A 612 -15.16 -8.20 -3.64
N VAL A 613 -14.53 -8.15 -4.81
CA VAL A 613 -13.45 -9.06 -5.16
C VAL A 613 -12.25 -8.86 -4.23
N TRP A 614 -11.80 -7.61 -4.08
CA TRP A 614 -10.69 -7.32 -3.17
C TRP A 614 -10.99 -7.98 -1.82
N LEU A 615 -12.13 -7.63 -1.27
CA LEU A 615 -12.53 -8.13 0.03
C LEU A 615 -12.59 -9.65 0.13
N GLU A 616 -13.29 -10.29 -0.80
CA GLU A 616 -13.44 -11.74 -0.79
C GLU A 616 -12.08 -12.41 -0.93
N ILE A 617 -11.20 -11.82 -1.72
CA ILE A 617 -9.83 -12.33 -1.82
C ILE A 617 -9.12 -12.19 -0.46
N ALA A 618 -9.24 -11.02 0.17
CA ALA A 618 -8.61 -10.75 1.46
C ALA A 618 -9.14 -11.69 2.52
N LEU A 619 -10.43 -11.94 2.51
CA LEU A 619 -11.05 -12.86 3.46
C LEU A 619 -10.87 -14.33 3.07
N ASN A 620 -10.14 -14.56 1.98
CA ASN A 620 -9.87 -15.92 1.49
C ASN A 620 -11.12 -16.76 1.20
N ILE A 621 -12.12 -16.13 0.58
CA ILE A 621 -13.34 -16.82 0.17
C ILE A 621 -13.66 -16.55 -1.29
N TYR A 622 -12.68 -16.05 -2.04
CA TYR A 622 -12.92 -15.79 -3.46
C TYR A 622 -13.05 -17.09 -4.26
N ASN A 623 -14.18 -17.18 -4.97
CA ASN A 623 -14.39 -18.24 -5.99
C ASN A 623 -14.37 -17.65 -7.42
N PRO A 624 -13.33 -17.98 -8.22
CA PRO A 624 -13.19 -17.49 -9.59
C PRO A 624 -14.38 -17.83 -10.52
N TYR A 625 -15.16 -18.86 -10.18
CA TYR A 625 -16.33 -19.25 -11.01
C TYR A 625 -17.69 -19.03 -10.36
N LYS A 626 -17.71 -18.56 -9.13
CA LYS A 626 -18.97 -18.28 -8.47
C LYS A 626 -19.92 -17.53 -9.42
N TYR A 627 -19.38 -16.50 -10.09
CA TYR A 627 -20.20 -15.62 -10.87
C TYR A 627 -20.89 -16.33 -12.04
N ILE A 628 -20.12 -17.13 -12.80
CA ILE A 628 -20.72 -17.91 -13.89
C ILE A 628 -21.61 -19.05 -13.36
N ASN A 629 -21.15 -19.75 -12.32
CA ASN A 629 -21.93 -20.82 -11.70
C ASN A 629 -23.31 -20.36 -11.22
N ASP A 630 -23.43 -19.10 -10.81
CA ASP A 630 -24.70 -18.57 -10.29
C ASP A 630 -25.62 -17.94 -11.34
N LEU A 631 -25.31 -18.15 -12.61
CA LEU A 631 -26.21 -17.72 -13.69
C LEU A 631 -27.25 -18.80 -13.93
N LYS A 632 -28.49 -18.39 -14.23
CA LYS A 632 -29.56 -19.33 -14.58
C LYS A 632 -29.85 -19.23 -16.07
N ASN A 633 -29.41 -20.24 -16.83
CA ASN A 633 -29.42 -20.17 -18.28
C ASN A 633 -30.46 -21.06 -18.98
N GLN A 634 -31.29 -21.72 -18.18
CA GLN A 634 -32.38 -22.59 -18.68
C GLN A 634 -31.88 -23.77 -19.51
N ASN A 635 -32.79 -24.41 -20.26
CA ASN A 635 -32.43 -25.56 -21.09
C ASN A 635 -32.68 -25.34 -22.60
N SER A 636 -33.94 -25.50 -23.01
CA SER A 636 -34.31 -25.46 -24.42
C SER A 636 -34.73 -24.04 -24.86
N ASN A 637 -33.73 -23.21 -25.16
CA ASN A 637 -33.94 -21.85 -25.69
C ASN A 637 -32.78 -21.40 -26.59
N LYS A 638 -33.13 -20.92 -27.80
CA LYS A 638 -32.15 -20.56 -28.85
C LYS A 638 -31.52 -21.78 -29.54
N TYR A 639 -31.16 -21.63 -30.81
CA TYR A 639 -30.63 -22.74 -31.62
C TYR A 639 -29.49 -22.35 -32.57
N ILE A 640 -29.13 -23.30 -33.45
CA ILE A 640 -27.99 -23.17 -34.37
C ILE A 640 -28.23 -22.17 -35.50
N TYR A 641 -27.28 -21.25 -35.65
CA TYR A 641 -27.30 -20.24 -36.71
C TYR A 641 -26.81 -20.80 -38.04
N THR A 642 -27.37 -20.31 -39.15
CA THR A 642 -26.93 -20.70 -40.48
C THR A 642 -25.56 -20.10 -40.79
N GLY A 643 -24.85 -20.71 -41.73
CA GLY A 643 -23.57 -20.21 -42.19
C GLY A 643 -23.49 -18.68 -42.28
N LEU A 644 -24.46 -18.08 -42.96
CA LEU A 644 -24.45 -16.63 -43.21
C LEU A 644 -24.71 -15.77 -41.98
N GLU A 645 -25.69 -16.15 -41.19
CA GLU A 645 -26.05 -15.35 -40.03
C GLU A 645 -25.10 -15.59 -38.87
N LEU A 646 -24.39 -16.73 -38.90
CA LEU A 646 -23.39 -17.05 -37.90
C LEU A 646 -22.16 -16.13 -38.02
N ASN A 647 -21.74 -15.85 -39.25
CA ASN A 647 -20.71 -14.85 -39.50
C ASN A 647 -21.07 -13.47 -38.95
N GLY A 648 -22.33 -13.08 -39.15
CA GLY A 648 -22.85 -11.81 -38.63
C GLY A 648 -22.89 -11.79 -37.12
N LYS A 649 -23.04 -12.96 -36.50
CA LYS A 649 -23.14 -13.04 -35.06
C LYS A 649 -21.76 -13.05 -34.39
N ILE A 650 -20.78 -13.65 -35.07
CA ILE A 650 -19.39 -13.67 -34.61
C ILE A 650 -18.84 -12.24 -34.52
N ILE A 651 -18.97 -11.48 -35.60
CA ILE A 651 -18.47 -10.10 -35.65
C ILE A 651 -19.09 -9.25 -34.54
N GLN A 652 -20.39 -9.38 -34.36
CA GLN A 652 -21.06 -8.69 -33.27
C GLN A 652 -20.50 -9.08 -31.90
N ALA A 653 -20.22 -10.37 -31.71
CA ALA A 653 -19.71 -10.87 -30.43
C ALA A 653 -18.29 -10.36 -30.15
N CYS A 654 -17.47 -10.27 -31.21
CA CYS A 654 -16.14 -9.76 -31.09
C CYS A 654 -16.14 -8.25 -30.81
N GLN A 655 -17.16 -7.56 -31.31
CA GLN A 655 -17.32 -6.15 -30.99
C GLN A 655 -17.75 -5.97 -29.53
N LYS A 656 -18.50 -6.93 -28.99
CA LYS A 656 -18.93 -6.91 -27.60
C LYS A 656 -17.72 -7.16 -26.71
N ILE A 657 -16.83 -8.05 -27.14
CA ILE A 657 -15.61 -8.36 -26.42
C ILE A 657 -14.66 -7.17 -26.42
N GLU A 658 -14.42 -6.60 -27.61
CA GLU A 658 -13.58 -5.42 -27.72
C GLU A 658 -14.07 -4.31 -26.79
N LYS A 659 -15.37 -4.05 -26.83
CA LYS A 659 -15.95 -2.99 -25.99
C LYS A 659 -15.86 -3.27 -24.49
N LYS A 660 -15.84 -4.55 -24.09
CA LYS A 660 -15.70 -4.89 -22.67
C LYS A 660 -14.28 -4.54 -22.24
N ILE A 661 -13.36 -4.77 -23.17
CA ILE A 661 -11.93 -4.52 -22.99
C ILE A 661 -11.64 -3.01 -22.89
N PHE A 662 -12.16 -2.26 -23.84
CA PHE A 662 -11.97 -0.82 -23.90
C PHE A 662 -12.56 -0.10 -22.67
N LYS A 663 -13.70 -0.58 -22.19
CA LYS A 663 -14.37 0.06 -21.05
C LYS A 663 -13.50 -0.03 -19.80
N ARG A 664 -12.73 -1.12 -19.70
CA ARG A 664 -11.82 -1.32 -18.58
C ARG A 664 -10.40 -0.83 -18.87
N ALA A 665 -10.20 -0.11 -19.97
CA ALA A 665 -8.86 0.34 -20.36
C ALA A 665 -8.39 1.55 -19.56
N ILE A 666 -7.15 1.51 -19.11
CA ILE A 666 -6.60 2.68 -18.43
C ILE A 666 -5.62 3.34 -19.38
N PHE A 667 -6.02 4.48 -19.92
CA PHE A 667 -5.23 5.21 -20.89
C PHE A 667 -4.41 6.29 -20.21
N ASN A 668 -3.16 6.43 -20.64
CA ASN A 668 -2.40 7.63 -20.32
C ASN A 668 -2.18 8.43 -21.59
N LYS A 669 -2.90 9.55 -21.69
CA LYS A 669 -2.90 10.42 -22.86
C LYS A 669 -1.52 11.01 -23.14
N LYS A 670 -0.74 11.21 -22.08
CA LYS A 670 0.57 11.86 -22.16
C LYS A 670 1.64 11.00 -22.85
N THR A 671 1.71 9.72 -22.50
CA THR A 671 2.72 8.84 -23.08
C THR A 671 2.17 7.84 -24.09
N ASN A 672 0.86 7.94 -24.38
CA ASN A 672 0.17 7.01 -25.27
C ASN A 672 0.40 5.56 -24.86
N THR A 673 0.04 5.27 -23.60
CA THR A 673 0.09 3.91 -23.07
C THR A 673 -1.29 3.52 -22.52
N VAL A 674 -1.46 2.23 -22.28
CA VAL A 674 -2.71 1.70 -21.79
C VAL A 674 -2.35 0.49 -20.94
N ASN A 675 -3.17 0.18 -19.95
CA ASN A 675 -3.05 -1.06 -19.21
C ASN A 675 -4.39 -1.33 -18.55
N TRP A 676 -4.50 -2.48 -17.90
CA TRP A 676 -5.76 -2.94 -17.34
C TRP A 676 -5.53 -3.48 -15.95
N ILE A 677 -6.56 -3.37 -15.11
CA ILE A 677 -6.63 -4.11 -13.86
C ILE A 677 -7.46 -5.35 -14.09
N ASP A 678 -6.98 -6.51 -13.61
CA ASP A 678 -7.68 -7.77 -13.79
C ASP A 678 -7.44 -8.78 -12.65
N ILE A 679 -8.36 -9.73 -12.46
CA ILE A 679 -8.17 -10.81 -11.47
C ILE A 679 -7.32 -11.90 -12.09
N LYS A 680 -6.14 -12.16 -11.55
CA LYS A 680 -5.23 -13.16 -12.11
C LYS A 680 -4.81 -14.21 -11.09
N LEU A 681 -4.42 -15.38 -11.60
CA LEU A 681 -4.00 -16.50 -10.78
C LEU A 681 -2.50 -16.68 -10.84
N ASP A 682 -1.88 -16.70 -9.66
CA ASP A 682 -0.47 -17.06 -9.47
C ASP A 682 -0.40 -17.83 -8.15
N GLN A 683 -0.77 -19.11 -8.20
CA GLN A 683 -0.93 -19.96 -7.02
C GLN A 683 -2.16 -19.59 -6.16
N ASP A 684 -2.39 -18.28 -6.01
CA ASP A 684 -3.64 -17.74 -5.47
C ASP A 684 -4.25 -16.75 -6.46
N TRP A 685 -5.55 -16.48 -6.34
CA TRP A 685 -6.14 -15.40 -7.13
C TRP A 685 -5.89 -14.08 -6.42
N ASN A 686 -5.42 -13.09 -7.18
CA ASN A 686 -5.20 -11.73 -6.69
C ASN A 686 -5.53 -10.73 -7.77
N VAL A 687 -5.91 -9.52 -7.37
CA VAL A 687 -6.11 -8.41 -8.30
C VAL A 687 -4.73 -7.84 -8.66
N GLY A 688 -4.49 -7.59 -9.94
CA GLY A 688 -3.18 -7.17 -10.40
C GLY A 688 -3.29 -6.33 -11.65
N ILE A 689 -2.15 -5.82 -12.11
CA ILE A 689 -2.07 -5.06 -13.36
C ILE A 689 -1.46 -5.97 -14.41
N LEU A 690 -1.91 -5.86 -15.65
CA LEU A 690 -1.43 -6.76 -16.68
C LEU A 690 0.04 -6.52 -17.03
N ASN A 691 0.84 -7.58 -17.00
CA ASN A 691 2.26 -7.49 -17.38
C ASN A 691 2.60 -8.30 -18.65
N ASN A 692 3.89 -8.43 -18.94
CA ASN A 692 4.31 -9.15 -20.13
C ASN A 692 4.46 -10.66 -19.94
N ASN A 693 3.33 -11.33 -19.78
CA ASN A 693 3.29 -12.78 -19.99
C ASN A 693 2.15 -13.14 -20.92
N MET A 694 2.37 -14.13 -21.77
CA MET A 694 1.38 -14.53 -22.77
C MET A 694 0.10 -15.08 -22.15
N TYR A 695 0.24 -15.81 -21.05
CA TYR A 695 -0.90 -16.54 -20.53
C TYR A 695 -2.08 -15.62 -20.22
N ASP A 696 -1.84 -14.63 -19.36
CA ASP A 696 -2.90 -13.71 -18.96
C ASP A 696 -2.49 -12.23 -19.00
N GLY A 697 -1.42 -11.92 -19.73
CA GLY A 697 -0.93 -10.55 -19.74
C GLY A 697 -1.24 -9.78 -21.00
N LEU A 698 -0.56 -8.65 -21.16
CA LEU A 698 -0.77 -7.72 -22.26
C LEU A 698 -0.57 -8.27 -23.68
N PRO A 699 0.35 -9.24 -23.89
CA PRO A 699 0.45 -9.80 -25.26
C PRO A 699 -0.87 -10.43 -25.75
N GLY A 700 -1.57 -11.12 -24.86
CA GLY A 700 -2.93 -11.60 -25.09
C GLY A 700 -3.89 -10.59 -25.71
N ILE A 701 -4.03 -9.42 -25.10
CA ILE A 701 -4.94 -8.39 -25.61
C ILE A 701 -4.40 -7.80 -26.90
N PHE A 702 -3.08 -7.71 -26.98
CA PHE A 702 -2.39 -7.24 -28.18
C PHE A 702 -2.80 -8.04 -29.43
N ILE A 703 -2.61 -9.36 -29.38
CA ILE A 703 -2.89 -10.24 -30.52
C ILE A 703 -4.37 -10.23 -30.92
N PHE A 704 -5.26 -10.13 -29.93
CA PHE A 704 -6.67 -9.99 -30.20
C PHE A 704 -6.98 -8.75 -31.02
N TYR A 705 -6.44 -7.60 -30.65
CA TYR A 705 -6.69 -6.40 -31.45
C TYR A 705 -6.05 -6.53 -32.83
N VAL A 706 -4.90 -7.22 -32.89
CA VAL A 706 -4.21 -7.47 -34.15
C VAL A 706 -5.16 -8.18 -35.11
N ALA A 707 -5.75 -9.29 -34.64
CA ALA A 707 -6.72 -10.07 -35.40
C ALA A 707 -7.97 -9.26 -35.78
N LEU A 708 -8.47 -8.44 -34.85
CA LEU A 708 -9.66 -7.65 -35.11
C LEU A 708 -9.37 -6.57 -36.14
N LYS A 709 -8.10 -6.15 -36.20
CA LYS A 709 -7.68 -5.22 -37.24
C LYS A 709 -7.60 -5.89 -38.62
N TYR A 710 -7.09 -7.11 -38.66
CA TYR A 710 -7.00 -7.86 -39.93
C TYR A 710 -8.30 -7.82 -40.75
N ILE A 711 -9.45 -7.94 -40.08
CA ILE A 711 -10.73 -7.70 -40.74
C ILE A 711 -10.87 -6.18 -40.95
N THR A 712 -11.58 -5.51 -40.04
CA THR A 712 -11.65 -4.06 -40.01
C THR A 712 -11.97 -3.66 -38.58
N LYS A 713 -11.71 -2.41 -38.19
CA LYS A 713 -11.22 -1.34 -39.09
C LYS A 713 -9.84 -0.83 -38.69
N ASN A 714 -9.34 0.17 -39.42
CA ASN A 714 -8.12 0.89 -39.02
C ASN A 714 -8.39 1.77 -37.82
N HIS A 715 -9.47 2.54 -37.91
CA HIS A 715 -9.84 3.54 -36.92
C HIS A 715 -10.30 2.88 -35.62
N LYS A 716 -10.13 3.62 -34.52
CA LYS A 716 -10.37 3.11 -33.17
C LYS A 716 -9.25 2.18 -32.70
N TYR A 717 -8.92 1.16 -33.51
CA TYR A 717 -7.98 0.12 -33.07
C TYR A 717 -6.51 0.44 -33.32
N ASP A 718 -6.23 1.39 -34.21
CA ASP A 718 -4.86 1.87 -34.41
C ASP A 718 -4.33 2.66 -33.20
N TYR A 719 -5.15 3.60 -32.72
CA TYR A 719 -4.79 4.45 -31.58
C TYR A 719 -4.84 3.72 -30.21
N VAL A 720 -4.96 2.39 -30.26
CA VAL A 720 -5.02 1.51 -29.08
C VAL A 720 -3.92 0.44 -29.16
N ILE A 721 -3.67 -0.05 -30.37
CA ILE A 721 -2.58 -1.00 -30.62
C ILE A 721 -1.20 -0.36 -30.38
N GLU A 722 -1.06 0.92 -30.77
CA GLU A 722 0.14 1.72 -30.45
C GLU A 722 0.36 1.80 -28.94
N CYS A 723 -0.70 2.19 -28.24
CA CYS A 723 -0.71 2.29 -26.77
C CYS A 723 -0.30 0.99 -26.14
N ILE A 724 -0.74 -0.13 -26.72
CA ILE A 724 -0.39 -1.44 -26.19
C ILE A 724 1.09 -1.78 -26.48
N LYS A 725 1.57 -1.39 -27.65
CA LYS A 725 2.97 -1.63 -27.98
C LYS A 725 3.88 -0.82 -27.07
N ASN A 726 3.51 0.45 -26.84
CA ASN A 726 4.21 1.30 -25.88
C ASN A 726 4.36 0.67 -24.48
N SER A 727 3.25 0.18 -23.91
CA SER A 727 3.31 -0.52 -22.62
C SER A 727 4.19 -1.76 -22.64
N ILE A 728 4.01 -2.66 -23.62
CA ILE A 728 4.76 -3.92 -23.65
C ILE A 728 6.26 -3.67 -23.80
N TYR A 729 6.62 -2.64 -24.57
CA TYR A 729 8.01 -2.30 -24.80
C TYR A 729 8.66 -1.70 -23.55
N THR A 730 7.89 -0.92 -22.79
CA THR A 730 8.46 -0.05 -21.78
C THR A 730 8.03 -0.34 -20.32
N ILE A 731 7.92 -1.61 -19.95
CA ILE A 731 7.54 -1.92 -18.57
C ILE A 731 8.44 -2.98 -17.95
N PRO A 732 8.60 -2.94 -16.60
CA PRO A 732 9.36 -3.93 -15.85
C PRO A 732 9.07 -5.38 -16.27
N SER A 733 9.91 -5.90 -17.15
CA SER A 733 9.78 -7.27 -17.60
C SER A 733 11.13 -7.99 -17.53
N GLU A 734 11.11 -9.28 -17.86
CA GLU A 734 12.27 -10.13 -17.77
C GLU A 734 13.02 -10.20 -19.10
N ASP A 735 14.19 -10.84 -19.04
CA ASP A 735 14.94 -11.19 -20.24
C ASP A 735 14.79 -12.69 -20.52
N ILE A 736 14.20 -13.41 -19.55
CA ILE A 736 14.00 -14.88 -19.59
C ILE A 736 13.81 -15.47 -20.98
N LEU A 737 14.39 -16.66 -21.19
CA LEU A 737 14.18 -17.41 -22.42
C LEU A 737 12.93 -18.27 -22.31
N SER A 738 11.80 -17.70 -22.74
CA SER A 738 10.48 -18.30 -22.61
C SER A 738 9.52 -17.62 -23.59
N ALA A 739 8.53 -18.38 -24.06
CA ALA A 739 7.48 -17.85 -24.95
C ALA A 739 6.24 -17.39 -24.17
N PHE A 740 6.22 -17.74 -22.88
CA PHE A 740 5.36 -17.14 -21.87
C PHE A 740 6.33 -16.50 -20.88
N PHE A 741 5.94 -15.39 -20.27
CA PHE A 741 6.75 -14.71 -19.25
C PHE A 741 7.93 -13.94 -19.84
N GLY A 742 8.01 -12.66 -19.50
CA GLY A 742 9.09 -11.80 -19.97
C GLY A 742 8.94 -11.43 -21.43
N LYS A 743 9.76 -10.47 -21.86
CA LYS A 743 9.81 -9.96 -23.25
C LYS A 743 9.86 -11.05 -24.34
N GLY A 744 10.36 -12.23 -23.98
CA GLY A 744 10.33 -13.39 -24.87
C GLY A 744 8.93 -13.90 -25.18
N SER A 745 7.92 -13.41 -24.46
CA SER A 745 6.53 -13.74 -24.75
C SER A 745 5.95 -12.84 -25.83
N LEU A 746 6.68 -11.80 -26.22
CA LEU A 746 6.21 -10.83 -27.23
C LEU A 746 6.48 -11.26 -28.67
N ILE A 747 7.34 -12.26 -28.83
CA ILE A 747 7.79 -12.76 -30.13
C ILE A 747 6.64 -13.11 -31.10
N TYR A 748 5.91 -14.18 -30.76
CA TYR A 748 4.82 -14.70 -31.59
C TYR A 748 3.81 -13.63 -31.99
N PRO A 749 3.22 -12.90 -31.01
CA PRO A 749 2.20 -11.92 -31.41
C PRO A 749 2.70 -10.84 -32.35
N LEU A 750 4.01 -10.62 -32.36
CA LEU A 750 4.62 -9.63 -33.25
C LEU A 750 4.76 -10.21 -34.65
N LEU A 751 5.20 -11.47 -34.73
CA LEU A 751 5.21 -12.21 -36.00
C LEU A 751 3.82 -12.25 -36.64
N VAL A 752 2.81 -12.65 -35.87
CA VAL A 752 1.40 -12.63 -36.32
C VAL A 752 0.98 -11.24 -36.80
N ASP A 753 1.39 -10.21 -36.08
CA ASP A 753 1.10 -8.83 -36.50
C ASP A 753 1.80 -8.53 -37.82
N TYR A 754 2.99 -9.10 -38.00
CA TYR A 754 3.71 -8.93 -39.25
C TYR A 754 3.02 -9.70 -40.38
N ARG A 755 2.61 -10.93 -40.11
CA ARG A 755 2.04 -11.78 -41.16
C ARG A 755 0.64 -11.38 -41.63
N LEU A 756 -0.09 -10.65 -40.77
CA LEU A 756 -1.47 -10.26 -41.08
C LEU A 756 -1.58 -8.84 -41.59
N ASN A 757 -0.90 -7.93 -40.92
CA ASN A 757 -0.81 -6.55 -41.36
C ASN A 757 0.62 -6.33 -41.87
N ASN A 758 0.88 -5.20 -42.50
CA ASN A 758 2.22 -4.94 -43.05
C ASN A 758 3.31 -4.90 -41.98
N ASP A 759 3.35 -3.80 -41.21
CA ASP A 759 4.19 -3.63 -40.02
C ASP A 759 5.49 -4.45 -39.96
N ILE A 760 6.53 -3.96 -40.62
CA ILE A 760 7.89 -4.51 -40.48
C ILE A 760 8.43 -4.24 -39.07
N ASN A 761 7.96 -3.14 -38.48
CA ASN A 761 8.38 -2.67 -37.15
C ASN A 761 8.20 -3.72 -36.06
N SER A 762 7.09 -4.45 -36.12
CA SER A 762 6.84 -5.53 -35.17
C SER A 762 7.83 -6.66 -35.39
N LEU A 763 8.14 -6.93 -36.66
CA LEU A 763 9.18 -7.89 -37.01
C LEU A 763 10.58 -7.40 -36.59
N ASN A 764 10.84 -6.10 -36.76
CA ASN A 764 12.11 -5.51 -36.31
C ASN A 764 12.31 -5.75 -34.82
N VAL A 765 11.27 -5.43 -34.03
CA VAL A 765 11.30 -5.64 -32.59
C VAL A 765 11.39 -7.12 -32.28
N ALA A 766 10.64 -7.91 -33.03
CA ALA A 766 10.64 -9.36 -32.89
C ALA A 766 12.06 -9.94 -32.97
N VAL A 767 12.85 -9.46 -33.92
CA VAL A 767 14.23 -9.96 -34.09
C VAL A 767 15.17 -9.50 -32.96
N GLU A 768 14.99 -8.26 -32.50
CA GLU A 768 15.82 -7.70 -31.43
C GLU A 768 15.73 -8.51 -30.14
N ILE A 769 14.52 -8.94 -29.80
CA ILE A 769 14.28 -9.76 -28.60
C ILE A 769 15.01 -11.09 -28.71
N ALA A 770 14.89 -11.73 -29.87
CA ALA A 770 15.42 -13.07 -30.10
C ALA A 770 16.92 -13.24 -29.81
N ASP A 771 17.71 -12.19 -30.06
CA ASP A 771 19.15 -12.20 -29.82
C ASP A 771 19.52 -12.62 -28.40
N MET A 772 18.78 -12.08 -27.43
CA MET A 772 18.98 -12.33 -26.02
C MET A 772 19.24 -13.80 -25.69
N ASP A 787 5.21 -28.21 -19.36
CA ASP A 787 6.48 -28.26 -20.10
C ASP A 787 6.47 -27.24 -21.26
N TRP A 788 5.29 -27.05 -21.85
CA TRP A 788 5.07 -26.04 -22.89
C TRP A 788 4.81 -24.69 -22.20
N ILE A 789 3.85 -24.67 -21.28
CA ILE A 789 3.76 -23.56 -20.30
C ILE A 789 4.84 -23.84 -19.26
N HIS A 790 5.44 -22.76 -18.74
CA HIS A 790 6.41 -22.85 -17.63
C HIS A 790 7.77 -23.44 -18.04
N GLY A 791 7.80 -24.18 -19.15
CA GLY A 791 9.02 -24.79 -19.65
C GLY A 791 9.56 -24.14 -20.90
N HIS A 792 10.35 -24.89 -21.65
CA HIS A 792 11.07 -24.37 -22.82
C HIS A 792 10.44 -24.76 -24.14
N ASN A 793 9.77 -25.91 -24.15
CA ASN A 793 9.11 -26.43 -25.35
C ASN A 793 8.54 -25.34 -26.24
N SER A 794 7.81 -24.39 -25.64
CA SER A 794 7.18 -23.31 -26.40
C SER A 794 8.19 -22.36 -27.06
N ILE A 795 9.26 -22.03 -26.35
CA ILE A 795 10.28 -21.12 -26.87
C ILE A 795 11.06 -21.75 -28.05
N ILE A 796 11.28 -23.06 -27.97
CA ILE A 796 11.86 -23.85 -29.07
C ILE A 796 11.02 -23.68 -30.34
N LYS A 797 9.70 -23.73 -30.18
CA LYS A 797 8.76 -23.66 -31.29
C LYS A 797 8.73 -22.29 -31.98
N VAL A 798 8.72 -21.22 -31.19
CA VAL A 798 8.69 -19.86 -31.77
C VAL A 798 10.00 -19.53 -32.48
N LEU A 799 11.10 -20.09 -31.96
CA LEU A 799 12.41 -19.93 -32.58
C LEU A 799 12.39 -20.43 -34.02
N LEU A 800 11.79 -21.61 -34.24
CA LEU A 800 11.61 -22.17 -35.58
C LEU A 800 10.80 -21.24 -36.50
N LEU A 801 9.79 -20.59 -35.93
CA LEU A 801 8.98 -19.63 -36.68
C LEU A 801 9.84 -18.49 -37.20
N LEU A 802 10.85 -18.12 -36.40
CA LEU A 802 11.74 -17.01 -36.74
C LEU A 802 12.60 -17.30 -37.97
N SER A 803 13.36 -18.39 -37.90
CA SER A 803 14.09 -18.90 -39.06
C SER A 803 13.20 -18.79 -40.29
N GLU A 804 12.00 -19.39 -40.22
CA GLU A 804 11.06 -19.41 -41.34
C GLU A 804 10.78 -18.05 -41.99
N ILE A 805 10.59 -17.02 -41.17
CA ILE A 805 10.18 -15.72 -41.70
C ILE A 805 11.37 -14.85 -42.11
N THR A 806 12.55 -15.21 -41.63
CA THR A 806 13.76 -14.41 -41.88
C THR A 806 14.86 -15.19 -42.58
N GLU A 807 14.57 -16.46 -42.89
CA GLU A 807 15.51 -17.39 -43.54
C GLU A 807 16.76 -17.70 -42.72
N ASP A 808 17.00 -16.89 -41.68
CA ASP A 808 18.25 -16.95 -40.93
C ASP A 808 18.28 -18.10 -39.92
N GLU A 809 18.97 -19.18 -40.31
CA GLU A 809 18.95 -20.44 -39.59
C GLU A 809 19.66 -20.41 -38.22
N LYS A 810 20.07 -19.22 -37.79
CA LYS A 810 20.69 -19.05 -36.48
C LYS A 810 19.73 -19.43 -35.33
N TYR A 811 18.45 -19.45 -35.66
CA TYR A 811 17.39 -19.75 -34.70
C TYR A 811 17.09 -21.25 -34.61
N ARG A 812 17.04 -21.93 -35.74
CA ARG A 812 16.77 -23.36 -35.78
C ARG A 812 17.83 -24.13 -34.98
N LYS A 813 19.09 -23.73 -35.13
CA LYS A 813 20.19 -24.34 -34.39
C LYS A 813 20.12 -23.97 -32.90
N PHE A 814 19.71 -22.71 -32.64
CA PHE A 814 19.46 -22.21 -31.30
C PHE A 814 18.58 -23.20 -30.53
N SER A 815 17.43 -23.53 -31.13
CA SER A 815 16.44 -24.43 -30.53
C SER A 815 16.88 -25.89 -30.50
N LEU A 816 17.65 -26.29 -31.53
CA LEU A 816 18.23 -27.63 -31.58
C LEU A 816 19.04 -27.92 -30.33
N GLU A 817 19.97 -27.01 -30.01
CA GLU A 817 20.80 -27.08 -28.79
C GLU A 817 19.96 -27.35 -27.53
N ILE A 818 18.88 -26.58 -27.37
CA ILE A 818 18.00 -26.71 -26.22
C ILE A 818 17.25 -28.05 -26.24
N PHE A 819 16.74 -28.42 -27.42
CA PHE A 819 15.97 -29.66 -27.57
C PHE A 819 16.82 -30.91 -27.37
N GLU A 820 18.10 -30.82 -27.70
CA GLU A 820 19.02 -31.95 -27.55
C GLU A 820 19.25 -32.31 -26.09
N LYS A 821 19.32 -31.30 -25.23
CA LYS A 821 19.55 -31.51 -23.79
C LYS A 821 18.23 -31.73 -23.04
N LEU A 822 17.11 -31.42 -23.71
CA LEU A 822 15.78 -31.56 -23.13
C LEU A 822 15.36 -33.03 -23.08
N SER A 823 15.21 -33.56 -21.86
CA SER A 823 14.89 -34.99 -21.66
C SER A 823 13.48 -35.37 -22.14
N GLU A 824 13.19 -36.68 -22.13
CA GLU A 824 11.96 -37.21 -22.72
C GLU A 824 10.76 -37.23 -21.79
N GLU A 825 11.02 -37.30 -20.49
CA GLU A 825 9.95 -37.31 -19.49
C GLU A 825 9.34 -35.91 -19.37
N PRO A 826 8.00 -35.81 -19.33
CA PRO A 826 7.33 -34.52 -19.22
C PRO A 826 7.52 -33.88 -17.85
N TYR A 827 7.63 -32.56 -17.80
CA TYR A 827 7.80 -31.83 -16.54
C TYR A 827 6.60 -32.05 -15.61
N PHE A 828 5.46 -32.39 -16.21
CA PHE A 828 4.23 -32.67 -15.46
C PHE A 828 3.61 -34.01 -15.90
N ASN A 829 2.97 -34.69 -14.96
CA ASN A 829 2.38 -36.02 -15.20
C ASN A 829 1.09 -36.02 -16.02
N PHE A 830 0.51 -34.84 -16.24
CA PHE A 830 -0.73 -34.72 -17.02
C PHE A 830 -0.55 -35.18 -18.48
N ARG A 831 -1.67 -35.42 -19.15
CA ARG A 831 -1.67 -35.93 -20.51
C ARG A 831 -2.28 -34.94 -21.49
N GLY A 832 -1.54 -33.86 -21.77
CA GLY A 832 -1.99 -32.85 -22.73
C GLY A 832 -0.89 -32.07 -23.40
N PHE A 833 -1.28 -30.98 -24.04
CA PHE A 833 -0.36 -30.04 -24.69
C PHE A 833 -0.21 -28.83 -23.77
N GLY A 834 1.03 -28.48 -23.43
CA GLY A 834 1.24 -27.38 -22.49
C GLY A 834 1.63 -27.89 -21.12
N HIS A 835 0.87 -28.86 -20.63
CA HIS A 835 1.18 -29.49 -19.35
C HIS A 835 1.25 -31.01 -19.44
N GLY A 836 1.85 -31.50 -20.52
CA GLY A 836 1.99 -32.94 -20.72
C GLY A 836 2.95 -33.31 -21.83
N ILE A 837 2.85 -34.55 -22.29
CA ILE A 837 3.80 -35.13 -23.24
C ILE A 837 3.58 -34.67 -24.67
N TYR A 838 2.34 -34.31 -25.01
CA TYR A 838 1.96 -34.03 -26.41
C TYR A 838 2.63 -32.82 -27.06
N SER A 839 3.12 -31.88 -26.24
CA SER A 839 3.84 -30.71 -26.75
C SER A 839 5.22 -31.10 -27.27
N TYR A 840 5.86 -32.04 -26.56
CA TYR A 840 7.15 -32.62 -26.96
C TYR A 840 7.02 -33.30 -28.33
N VAL A 841 6.02 -34.15 -28.44
CA VAL A 841 5.65 -34.83 -29.69
C VAL A 841 5.64 -33.85 -30.86
N HIS A 842 4.92 -32.74 -30.69
CA HIS A 842 4.76 -31.76 -31.76
C HIS A 842 6.09 -31.18 -32.23
N LEU A 843 7.03 -31.04 -31.29
CA LEU A 843 8.35 -30.52 -31.61
C LEU A 843 9.11 -31.47 -32.53
N LEU A 844 9.06 -32.77 -32.23
CA LEU A 844 9.72 -33.78 -33.04
C LEU A 844 9.29 -33.74 -34.51
N SER A 845 7.99 -33.63 -34.75
CA SER A 845 7.47 -33.53 -36.12
C SER A 845 7.66 -32.13 -36.72
N LYS A 846 8.36 -31.28 -35.97
CA LYS A 846 8.82 -29.99 -36.48
C LYS A 846 10.33 -30.07 -36.77
N PHE A 847 11.04 -30.81 -35.92
CA PHE A 847 12.45 -31.14 -36.13
C PHE A 847 12.61 -32.37 -37.06
N ASN A 848 11.73 -32.44 -38.06
CA ASN A 848 11.68 -33.52 -39.06
C ASN A 848 11.55 -34.95 -38.52
N ARG A 849 12.19 -35.22 -37.39
CA ARG A 849 12.37 -36.58 -36.85
C ARG A 849 11.10 -37.29 -36.37
N ILE A 850 10.21 -37.63 -37.30
CA ILE A 850 9.02 -38.44 -37.01
C ILE A 850 9.45 -39.90 -36.79
N ASP A 851 8.48 -40.79 -36.63
CA ASP A 851 8.72 -42.22 -36.34
C ASP A 851 9.23 -42.45 -34.90
N LYS A 852 10.32 -41.76 -34.55
CA LYS A 852 10.82 -41.77 -33.18
C LYS A 852 9.93 -40.93 -32.26
N ALA A 853 9.14 -40.05 -32.89
CA ALA A 853 8.05 -39.35 -32.23
C ALA A 853 6.92 -40.34 -31.89
N ASN A 854 6.69 -41.27 -32.81
CA ASN A 854 5.66 -42.29 -32.65
C ASN A 854 6.03 -43.31 -31.58
N SER A 855 7.31 -43.40 -31.25
CA SER A 855 7.80 -44.32 -30.22
C SER A 855 7.31 -43.95 -28.83
N LEU A 856 7.24 -42.65 -28.55
CA LEU A 856 6.63 -42.17 -27.30
C LEU A 856 5.11 -42.29 -27.36
N LEU A 857 4.54 -41.96 -28.51
CA LEU A 857 3.10 -42.16 -28.76
C LEU A 857 2.67 -43.60 -28.47
N HIS A 858 3.61 -44.52 -28.60
CA HIS A 858 3.37 -45.94 -28.39
C HIS A 858 3.35 -46.30 -26.91
N LYS A 859 4.43 -45.97 -26.20
CA LYS A 859 4.62 -46.42 -24.82
C LYS A 859 3.85 -45.63 -23.75
N ILE A 860 2.52 -45.63 -23.89
CA ILE A 860 1.59 -45.12 -22.87
C ILE A 860 0.35 -46.02 -22.85
N LYS A 861 0.01 -46.53 -24.03
CA LYS A 861 -1.21 -47.31 -24.26
C LYS A 861 -0.93 -48.80 -24.19
N ASN A 871 -8.55 -33.61 -18.48
CA ASN A 871 -9.57 -34.19 -19.35
C ASN A 871 -10.03 -33.16 -20.38
N ASN A 872 -10.27 -33.61 -21.61
CA ASN A 872 -10.87 -32.79 -22.68
C ASN A 872 -10.16 -31.47 -23.04
N SER A 873 -9.43 -30.89 -22.10
CA SER A 873 -8.78 -29.58 -22.27
C SER A 873 -7.65 -29.59 -23.27
N TRP A 874 -7.20 -28.40 -23.63
CA TRP A 874 -5.95 -28.24 -24.39
C TRP A 874 -4.76 -28.44 -23.44
N CYS A 875 -4.85 -27.87 -22.23
CA CYS A 875 -3.71 -27.80 -21.31
C CYS A 875 -3.30 -29.16 -20.75
N LYS A 876 -4.29 -29.93 -20.31
CA LYS A 876 -4.13 -31.35 -20.03
C LYS A 876 -4.94 -31.99 -21.15
N GLY A 877 -5.70 -33.03 -20.83
CA GLY A 877 -6.78 -33.51 -21.71
C GLY A 877 -6.57 -33.75 -23.20
N THR A 878 -7.68 -34.08 -23.87
CA THR A 878 -7.62 -34.69 -25.20
C THR A 878 -7.48 -33.72 -26.38
N VAL A 879 -7.95 -32.47 -26.22
CA VAL A 879 -7.79 -31.47 -27.29
C VAL A 879 -6.31 -31.19 -27.49
N GLY A 880 -5.54 -31.38 -26.42
CA GLY A 880 -4.08 -31.32 -26.48
C GLY A 880 -3.60 -32.39 -27.44
N GLU A 881 -3.92 -33.64 -27.12
CA GLU A 881 -3.56 -34.79 -27.94
C GLU A 881 -4.03 -34.64 -29.38
N LEU A 882 -5.28 -34.19 -29.55
CA LEU A 882 -5.87 -34.02 -30.87
C LEU A 882 -5.06 -33.07 -31.77
N LEU A 883 -4.68 -31.90 -31.24
CA LEU A 883 -4.00 -30.89 -32.04
C LEU A 883 -2.55 -31.25 -32.36
N ALA A 884 -1.96 -32.12 -31.56
CA ALA A 884 -0.61 -32.60 -31.83
C ALA A 884 -0.59 -33.57 -33.03
N THR A 885 -1.72 -34.25 -33.23
CA THR A 885 -1.81 -35.36 -34.18
C THR A 885 -3.11 -35.32 -34.97
N ASP A 897 -11.21 -40.89 -28.97
CA ASP A 897 -12.65 -40.74 -28.81
C ASP A 897 -13.04 -39.32 -29.15
N ILE A 898 -13.34 -39.08 -30.42
CA ILE A 898 -13.56 -37.74 -30.92
C ILE A 898 -14.76 -37.04 -30.28
N ASN A 899 -15.91 -37.70 -30.26
CA ASN A 899 -17.14 -37.11 -29.73
C ASN A 899 -17.07 -36.64 -28.27
N LYS A 900 -16.18 -37.26 -27.49
CA LYS A 900 -15.92 -36.83 -26.12
C LYS A 900 -15.16 -35.50 -26.13
N THR A 901 -14.11 -35.44 -26.95
CA THR A 901 -13.19 -34.31 -26.95
C THR A 901 -13.77 -33.06 -27.61
N ILE A 902 -14.85 -33.23 -28.38
CA ILE A 902 -15.46 -32.11 -29.09
C ILE A 902 -16.76 -31.63 -28.45
N GLU A 903 -17.05 -32.14 -27.25
CA GLU A 903 -18.30 -31.81 -26.57
C GLU A 903 -18.26 -30.42 -25.90
N TYR A 904 -19.43 -29.80 -25.82
CA TYR A 904 -19.60 -28.50 -25.20
C TYR A 904 -19.39 -28.61 -23.70
N LYS A 905 -18.69 -27.62 -23.14
CA LYS A 905 -18.52 -27.51 -21.70
C LYS A 905 -18.98 -26.14 -21.17
N ASN A 906 -19.09 -25.99 -19.86
CA ASN A 906 -19.49 -24.71 -19.26
C ASN A 906 -18.32 -23.75 -19.00
N LYS A 907 -17.24 -23.93 -19.76
CA LYS A 907 -16.11 -23.00 -19.80
C LYS A 907 -15.82 -22.61 -21.25
N ASP A 908 -15.50 -21.34 -21.49
CA ASP A 908 -15.32 -20.85 -22.85
C ASP A 908 -13.88 -20.57 -23.27
N CYS A 909 -12.93 -20.69 -22.35
CA CYS A 909 -11.59 -20.18 -22.63
C CYS A 909 -10.81 -21.10 -23.55
N LEU A 910 -9.72 -20.58 -24.10
CA LEU A 910 -8.79 -21.40 -24.88
C LEU A 910 -8.17 -22.55 -24.09
N CYS A 911 -7.63 -22.24 -22.91
CA CYS A 911 -6.77 -23.18 -22.17
C CYS A 911 -7.47 -24.48 -21.82
N HIS A 912 -8.73 -24.39 -21.46
CA HIS A 912 -9.48 -25.55 -21.00
C HIS A 912 -10.98 -25.31 -21.13
N GLY A 913 -11.39 -24.88 -22.32
CA GLY A 913 -12.79 -24.56 -22.55
C GLY A 913 -13.16 -24.64 -24.02
N ASN A 914 -14.34 -24.11 -24.35
CA ASN A 914 -14.92 -24.26 -25.66
C ASN A 914 -14.14 -23.63 -26.80
N ALA A 915 -13.43 -22.53 -26.56
CA ALA A 915 -12.65 -21.93 -27.65
C ALA A 915 -11.49 -22.84 -28.06
N GLY A 916 -10.99 -23.62 -27.11
CA GLY A 916 -9.91 -24.58 -27.36
C GLY A 916 -10.46 -25.74 -28.15
N THR A 917 -11.66 -26.17 -27.74
CA THR A 917 -12.43 -27.18 -28.43
C THR A 917 -12.75 -26.72 -29.85
N LEU A 918 -12.97 -25.41 -30.01
CA LEU A 918 -13.27 -24.83 -31.31
C LEU A 918 -12.08 -24.91 -32.25
N GLU A 919 -10.87 -24.90 -31.70
CA GLU A 919 -9.68 -25.06 -32.52
C GLU A 919 -9.58 -26.49 -33.04
N GLY A 920 -9.90 -27.45 -32.16
CA GLY A 920 -10.04 -28.86 -32.54
C GLY A 920 -11.05 -29.08 -33.66
N LEU A 921 -12.20 -28.42 -33.55
CA LEU A 921 -13.25 -28.47 -34.57
C LEU A 921 -12.88 -27.75 -35.87
N ILE A 922 -12.21 -26.60 -35.77
CA ILE A 922 -11.71 -25.89 -36.96
C ILE A 922 -10.80 -26.81 -37.77
N GLN A 923 -9.97 -27.58 -37.08
CA GLN A 923 -9.04 -28.53 -37.70
C GLN A 923 -9.77 -29.71 -38.32
N LEU A 924 -10.54 -30.43 -37.51
CA LEU A 924 -11.30 -31.58 -37.98
C LEU A 924 -12.16 -31.22 -39.20
N ALA A 925 -12.84 -30.08 -39.14
CA ALA A 925 -13.72 -29.63 -40.23
C ALA A 925 -12.95 -29.17 -41.48
N LYS A 926 -11.63 -29.18 -41.40
CA LYS A 926 -10.78 -28.92 -42.56
C LYS A 926 -10.36 -30.26 -43.16
N LYS A 927 -10.04 -31.19 -42.27
CA LYS A 927 -9.69 -32.57 -42.63
C LYS A 927 -10.94 -33.33 -43.12
N ASP A 928 -12.10 -32.98 -42.57
CA ASP A 928 -13.36 -33.63 -42.92
C ASP A 928 -14.56 -32.71 -42.78
N PRO A 929 -14.78 -31.85 -43.79
CA PRO A 929 -15.93 -30.93 -43.66
C PRO A 929 -17.26 -31.64 -43.36
N GLU A 930 -17.56 -32.74 -44.04
CA GLU A 930 -18.90 -33.32 -43.98
C GLU A 930 -19.33 -33.77 -42.58
N THR A 931 -18.39 -34.38 -41.84
CA THR A 931 -18.64 -34.80 -40.45
C THR A 931 -18.62 -33.65 -39.41
N TYR A 932 -17.80 -32.62 -39.64
CA TYR A 932 -17.54 -31.62 -38.58
C TYR A 932 -17.95 -30.16 -38.80
N GLN A 933 -18.09 -29.71 -40.03
CA GLN A 933 -18.51 -28.32 -40.27
C GLN A 933 -19.80 -27.92 -39.51
N TYR A 934 -20.71 -28.87 -39.34
CA TYR A 934 -21.96 -28.58 -38.63
C TYR A 934 -21.80 -28.57 -37.11
N LYS A 935 -21.09 -29.58 -36.59
CA LYS A 935 -20.75 -29.65 -35.18
C LYS A 935 -19.95 -28.40 -34.75
N LYS A 936 -19.06 -27.95 -35.63
CA LYS A 936 -18.30 -26.72 -35.40
C LYS A 936 -19.24 -25.52 -35.26
N ASN A 937 -20.21 -25.41 -36.15
CA ASN A 937 -21.13 -24.28 -36.10
C ASN A 937 -22.13 -24.37 -34.95
N LYS A 938 -22.37 -25.60 -34.50
CA LYS A 938 -23.18 -25.85 -33.32
C LYS A 938 -22.49 -25.24 -32.08
N LEU A 939 -21.25 -25.65 -31.80
CA LEU A 939 -20.48 -25.09 -30.68
C LEU A 939 -20.47 -23.57 -30.74
N ILE A 940 -20.06 -23.00 -31.87
CA ILE A 940 -20.01 -21.54 -31.95
C ILE A 940 -21.36 -20.95 -31.57
N SER A 941 -22.44 -21.52 -32.07
CA SER A 941 -23.78 -21.01 -31.80
C SER A 941 -24.18 -21.11 -30.33
N TYR A 942 -23.84 -22.23 -29.69
CA TYR A 942 -24.11 -22.34 -28.26
C TYR A 942 -23.37 -21.26 -27.45
N MET A 943 -22.06 -21.09 -27.71
CA MET A 943 -21.24 -20.04 -27.09
C MET A 943 -21.82 -18.65 -27.32
N LEU A 944 -22.15 -18.34 -28.57
CA LEU A 944 -22.71 -17.04 -28.88
C LEU A 944 -24.08 -16.80 -28.22
N LYS A 945 -24.85 -17.88 -28.04
CA LYS A 945 -26.20 -17.76 -27.50
C LYS A 945 -26.16 -17.44 -26.02
N TYR A 946 -25.39 -18.24 -25.26
CA TYR A 946 -25.13 -17.97 -23.84
C TYR A 946 -24.45 -16.62 -23.63
N PHE A 947 -23.56 -16.24 -24.54
CA PHE A 947 -22.97 -14.91 -24.49
C PHE A 947 -24.07 -13.88 -24.46
N GLU A 948 -24.90 -13.87 -25.51
CA GLU A 948 -26.06 -12.97 -25.64
C GLU A 948 -26.98 -12.90 -24.43
N LYS A 949 -27.30 -14.06 -23.84
CA LYS A 949 -28.25 -14.11 -22.74
C LYS A 949 -27.61 -13.66 -21.42
N ASN A 950 -26.40 -14.15 -21.15
CA ASN A 950 -25.69 -13.81 -19.93
C ASN A 950 -24.94 -12.46 -19.97
N ASN A 951 -24.74 -11.89 -21.15
CA ASN A 951 -23.93 -10.69 -21.35
C ASN A 951 -22.52 -10.84 -20.78
N THR A 952 -22.08 -12.09 -20.70
CA THR A 952 -20.73 -12.44 -20.31
C THR A 952 -20.38 -13.77 -20.95
N LEU A 953 -19.10 -14.14 -20.89
CA LEU A 953 -18.63 -15.43 -21.35
C LEU A 953 -18.27 -16.28 -20.15
N LYS A 954 -18.15 -17.58 -20.37
CA LYS A 954 -17.94 -18.53 -19.27
C LYS A 954 -16.47 -18.64 -18.92
N VAL A 955 -15.95 -17.55 -18.32
CA VAL A 955 -14.55 -17.46 -17.92
C VAL A 955 -14.44 -17.05 -16.46
N ALA A 956 -13.26 -17.29 -15.86
CA ALA A 956 -12.99 -16.86 -14.51
C ALA A 956 -13.15 -15.35 -14.37
N GLY A 957 -13.51 -14.92 -13.17
CA GLY A 957 -13.69 -13.51 -12.87
C GLY A 957 -15.01 -13.29 -12.16
N SER A 958 -15.49 -12.06 -12.24
CA SER A 958 -16.69 -11.68 -11.55
C SER A 958 -17.45 -10.69 -12.42
N GLU A 959 -18.64 -10.27 -11.98
CA GLU A 959 -19.45 -9.36 -12.78
C GLU A 959 -18.67 -8.09 -13.11
N TYR A 960 -18.79 -7.70 -14.37
CA TYR A 960 -18.06 -6.59 -14.97
C TYR A 960 -16.56 -6.80 -15.02
N LEU A 961 -16.09 -7.98 -14.63
CA LEU A 961 -14.65 -8.23 -14.45
C LEU A 961 -14.24 -9.63 -14.91
N GLU A 962 -14.44 -9.89 -16.20
CA GLU A 962 -14.07 -11.16 -16.82
C GLU A 962 -12.56 -11.20 -16.98
N SER A 963 -11.94 -12.39 -16.90
CA SER A 963 -10.52 -12.49 -17.29
C SER A 963 -10.37 -11.87 -18.66
N LEU A 964 -9.36 -11.04 -18.83
CA LEU A 964 -9.08 -10.43 -20.13
C LEU A 964 -8.03 -11.22 -20.94
N GLY A 965 -7.40 -12.19 -20.28
CA GLY A 965 -6.21 -12.84 -20.82
C GLY A 965 -6.47 -13.66 -22.07
N PHE A 966 -5.41 -14.07 -22.74
CA PHE A 966 -5.53 -14.92 -23.92
C PHE A 966 -5.99 -16.33 -23.57
N PHE A 967 -5.35 -16.95 -22.58
CA PHE A 967 -5.57 -18.37 -22.30
C PHE A 967 -6.73 -18.72 -21.40
N VAL A 968 -7.07 -17.83 -20.45
CA VAL A 968 -8.23 -18.05 -19.60
C VAL A 968 -9.30 -16.97 -19.75
N GLY A 969 -9.04 -15.97 -20.59
CA GLY A 969 -9.91 -14.81 -20.71
C GLY A 969 -10.61 -14.61 -22.04
N ILE A 970 -11.24 -13.45 -22.19
CA ILE A 970 -12.08 -13.16 -23.32
C ILE A 970 -11.33 -12.71 -24.57
N SER A 971 -10.07 -12.29 -24.41
CA SER A 971 -9.29 -11.85 -25.56
C SER A 971 -8.99 -13.02 -26.46
N GLY A 972 -8.78 -14.20 -25.88
CA GLY A 972 -8.49 -15.42 -26.61
C GLY A 972 -9.74 -15.96 -27.28
N VAL A 973 -10.88 -15.83 -26.60
CA VAL A 973 -12.14 -16.28 -27.16
C VAL A 973 -12.50 -15.45 -28.39
N GLY A 974 -12.35 -14.14 -28.28
CA GLY A 974 -12.57 -13.22 -29.42
C GLY A 974 -11.63 -13.58 -30.54
N TYR A 975 -10.38 -13.89 -30.18
CA TYR A 975 -9.37 -14.26 -31.16
C TYR A 975 -9.74 -15.54 -31.92
N GLU A 976 -10.22 -16.55 -31.19
CA GLU A 976 -10.55 -17.82 -31.77
C GLU A 976 -11.77 -17.68 -32.69
N LEU A 977 -12.77 -16.96 -32.19
CA LEU A 977 -13.96 -16.65 -32.99
C LEU A 977 -13.59 -15.98 -34.30
N LEU A 978 -12.61 -15.07 -34.25
CA LEU A 978 -12.15 -14.38 -35.45
C LEU A 978 -11.42 -15.30 -36.44
N ARG A 979 -10.60 -16.22 -35.91
CA ARG A 979 -9.91 -17.23 -36.71
C ARG A 979 -10.88 -18.07 -37.55
N ASN A 980 -12.03 -18.40 -36.96
CA ASN A 980 -13.08 -19.12 -37.66
C ASN A 980 -13.57 -18.33 -38.88
N LEU A 981 -13.52 -17.00 -38.79
CA LEU A 981 -13.95 -16.16 -39.92
C LEU A 981 -12.93 -16.11 -41.05
N ASP A 982 -11.67 -16.43 -40.73
CA ASP A 982 -10.57 -16.36 -41.69
C ASP A 982 -9.35 -17.10 -41.15
N SER A 983 -9.06 -18.25 -41.75
CA SER A 983 -8.00 -19.15 -41.28
C SER A 983 -6.58 -18.59 -41.48
N GLU A 984 -6.50 -17.39 -42.05
CA GLU A 984 -5.23 -16.67 -42.12
C GLU A 984 -4.77 -16.26 -40.71
N ILE A 985 -5.72 -16.07 -39.79
CA ILE A 985 -5.41 -15.98 -38.35
C ILE A 985 -4.83 -17.33 -37.91
N PRO A 986 -3.55 -17.35 -37.52
CA PRO A 986 -2.90 -18.63 -37.25
C PRO A 986 -3.31 -19.26 -35.93
N ASN A 987 -3.05 -20.54 -35.80
CA ASN A 987 -3.43 -21.31 -34.63
C ASN A 987 -2.48 -21.10 -33.44
N ALA A 988 -2.73 -20.04 -32.67
CA ALA A 988 -1.89 -19.66 -31.53
C ALA A 988 -1.68 -20.76 -30.50
N LEU A 989 -2.64 -21.67 -30.40
CA LEU A 989 -2.63 -22.75 -29.40
C LEU A 989 -1.38 -23.63 -29.41
N LEU A 990 -0.79 -23.85 -30.58
CA LEU A 990 0.51 -24.51 -30.66
C LEU A 990 1.54 -23.65 -31.39
N PHE A 991 1.22 -22.37 -31.54
CA PHE A 991 2.08 -21.36 -32.15
C PHE A 991 2.40 -21.66 -33.60
N GLU A 992 1.57 -21.16 -34.51
CA GLU A 992 1.86 -21.23 -35.95
C GLU A 992 1.43 -19.99 -36.71
ZN ZN B . -5.79 -24.95 -18.64
P AMP C . -4.22 7.12 19.89
O1P AMP C . -3.31 6.27 19.00
O2P AMP C . -5.71 6.95 19.66
O3P AMP C . -3.77 8.58 19.93
O5' AMP C . -4.03 6.40 21.34
C5' AMP C . -4.30 5.00 21.27
C4' AMP C . -4.14 4.14 22.53
O4' AMP C . -5.04 4.48 23.60
C3' AMP C . -4.54 2.73 22.07
O3' AMP C . -3.77 1.78 22.79
C2' AMP C . -6.02 2.63 22.41
O2' AMP C . -6.39 1.30 22.80
C1' AMP C . -6.20 3.60 23.56
N9 AMP C . -7.41 4.46 23.35
C8 AMP C . -7.47 5.63 22.65
N7 AMP C . -8.71 6.18 22.67
C5 AMP C . -9.48 5.35 23.41
C6 AMP C . -10.90 5.32 23.85
N6 AMP C . -11.75 6.33 23.48
N1 AMP C . -11.29 4.24 24.61
C2 AMP C . -10.46 3.26 24.98
N3 AMP C . -9.16 3.22 24.62
C4 AMP C . -8.63 4.20 23.86
#